data_5IKV
#
_entry.id   5IKV
#
_cell.length_a   126.918
_cell.length_b   149.334
_cell.length_c   184.766
_cell.angle_alpha   90.00
_cell.angle_beta   90.00
_cell.angle_gamma   90.00
#
_symmetry.space_group_name_H-M   'I 2 2 2'
#
loop_
_entity.id
_entity.type
_entity.pdbx_description
1 polymer 'Prostaglandin G/H synthase 2'
2 branched alpha-D-mannopyranose-(1-4)-2-acetamido-2-deoxy-beta-D-glucopyranose-(1-4)-2-acetamido-2-deoxy-beta-D-glucopyranose
3 non-polymer '2-[[3-(TRIFLUOROMETHYL)PHENYL]AMINO] BENZOIC ACID'
4 non-polymer 'PROTOPORPHYRIN IX CONTAINING CO'
5 non-polymer 2-acetamido-2-deoxy-beta-D-glucopyranose
6 non-polymer 'AMMONIUM ION'
7 non-polymer 'octyl beta-D-glucopyranoside'
8 water water
#
_entity_poly.entity_id   1
_entity_poly.type   'polypeptide(L)'
_entity_poly.pdbx_seq_one_letter_code
;NPCCSHPCQNRGVCMSVGFDQYKCDCTRTGFYGENCSTPEFLTRIKLFLKPTPNTVHYILTHFKGFWNVVNNIPFLRNAI
MSYVLTSRSHLIDSPPTYNADYGYKSWEAFSNLSYYTRALPPVPDDCPTPLGVKGKKQLPDSNEIVEKLLLRRKFIPDPQ
GSNMMFAFFAQHFTHQFFKTDHKRGPAFTNGLGHGVDLNHIYGETLARQRKLRLFKDGKMKYQIIDGEMYPPTVKDTQAE
MIYPPQVPEHLRFAVGQEVFGLVPGLMMYATIWLREHNRVCDVLKQEHPEWGDEQLFQTSRLILIGETIKIVIEDYVQHL
SGYHFKLKFDPELLFNKQFQYQNRIAAEFNTLYHWHPLLPDTFQIHDQKYNYQQFIYNNSILLEHGITQFVESFTRQIAG
RVAGGRNVPPAVQKVSQASIDQSRQMKYQSFNEYRKRFMLKPYESFEELTGEKEMSAELEALYGDIDAVELYPALLVEKP
RPDAIFGETMVEVGAPFSLKGLMGNVICSPAYWKPSTFGGEVGFQIINTASIQSLICNNVKGCPFTSFSVP
;
_entity_poly.pdbx_strand_id   A,B
#
# COMPACT_ATOMS: atom_id res chain seq x y z
N ASN A 1 26.53 -12.81 -17.90
CA ASN A 1 26.11 -12.38 -16.57
C ASN A 1 26.31 -13.51 -15.55
N PRO A 2 27.19 -13.31 -14.61
CA PRO A 2 27.53 -14.34 -13.64
C PRO A 2 26.36 -14.81 -12.78
N CYS A 3 25.36 -13.97 -12.62
CA CYS A 3 24.18 -14.30 -11.81
C CYS A 3 23.23 -15.26 -12.53
N CYS A 4 23.47 -15.47 -13.83
CA CYS A 4 22.66 -16.39 -14.62
C CYS A 4 22.56 -17.78 -13.99
N SER A 5 23.61 -18.19 -13.29
CA SER A 5 23.65 -19.51 -12.67
C SER A 5 22.84 -19.56 -11.38
N HIS A 6 22.32 -18.40 -10.98
CA HIS A 6 21.60 -18.28 -9.71
C HIS A 6 22.44 -18.81 -8.55
N PRO A 7 23.65 -18.27 -8.39
CA PRO A 7 24.61 -18.77 -7.39
C PRO A 7 24.15 -18.59 -5.95
N CYS A 8 23.64 -17.40 -5.63
CA CYS A 8 23.27 -17.08 -4.25
C CYS A 8 22.12 -17.94 -3.75
N GLN A 9 22.31 -18.54 -2.58
CA GLN A 9 21.32 -19.44 -1.98
C GLN A 9 20.61 -18.79 -0.80
N ASN A 10 19.52 -19.41 -0.36
CA ASN A 10 18.84 -19.00 0.86
C ASN A 10 18.44 -17.53 0.85
N ARG A 11 17.97 -17.05 -0.30
CA ARG A 11 17.41 -15.71 -0.49
C ARG A 11 18.49 -14.63 -0.62
N GLY A 12 19.75 -15.03 -0.77
CA GLY A 12 20.81 -14.07 -1.01
C GLY A 12 20.58 -13.32 -2.32
N VAL A 13 20.95 -12.05 -2.34
CA VAL A 13 20.74 -11.21 -3.52
C VAL A 13 21.99 -11.21 -4.40
N CYS A 14 21.86 -11.78 -5.60
CA CYS A 14 22.98 -11.85 -6.54
C CYS A 14 23.14 -10.54 -7.28
N MET A 15 24.34 -9.99 -7.21
CA MET A 15 24.65 -8.71 -7.85
C MET A 15 25.96 -8.83 -8.63
N SER A 16 25.93 -8.42 -9.89
CA SER A 16 27.12 -8.44 -10.71
C SER A 16 28.06 -7.32 -10.30
N VAL A 17 29.32 -7.65 -10.13
CA VAL A 17 30.37 -6.66 -9.92
C VAL A 17 31.42 -6.90 -10.99
N GLY A 18 31.61 -5.92 -11.87
CA GLY A 18 32.46 -6.12 -13.03
C GLY A 18 31.76 -7.03 -14.02
N PHE A 19 32.43 -7.32 -15.13
CA PHE A 19 31.82 -8.10 -16.20
C PHE A 19 31.81 -9.60 -15.95
N ASP A 20 32.72 -10.08 -15.10
CA ASP A 20 32.92 -11.52 -14.93
C ASP A 20 32.82 -12.00 -13.48
N GLN A 21 32.51 -11.10 -12.55
CA GLN A 21 32.36 -11.47 -11.14
C GLN A 21 30.97 -11.16 -10.60
N TYR A 22 30.59 -11.86 -9.53
CA TYR A 22 29.32 -11.62 -8.85
C TYR A 22 29.54 -11.51 -7.35
N LYS A 23 28.53 -10.98 -6.67
CA LYS A 23 28.53 -10.89 -5.22
C LYS A 23 27.18 -11.34 -4.69
N CYS A 24 27.17 -11.95 -3.53
CA CYS A 24 25.93 -12.34 -2.86
C CYS A 24 25.73 -11.53 -1.60
N ASP A 25 24.54 -10.96 -1.46
CA ASP A 25 24.15 -10.24 -0.25
C ASP A 25 23.39 -11.19 0.67
N CYS A 26 24.05 -11.60 1.74
CA CYS A 26 23.51 -12.61 2.65
C CYS A 26 22.80 -11.99 3.84
N THR A 27 22.53 -10.69 3.75
CA THR A 27 21.93 -9.93 4.86
C THR A 27 20.63 -10.55 5.36
N ARG A 28 20.60 -10.85 6.66
CA ARG A 28 19.43 -11.41 7.34
C ARG A 28 18.89 -12.68 6.69
N THR A 29 19.75 -13.41 5.99
CA THR A 29 19.38 -14.68 5.40
C THR A 29 19.50 -15.84 6.39
N GLY A 30 20.29 -15.63 7.45
CA GLY A 30 20.58 -16.70 8.39
C GLY A 30 21.76 -17.53 7.93
N PHE A 31 22.40 -17.08 6.85
CA PHE A 31 23.55 -17.76 6.28
C PHE A 31 24.65 -16.76 5.96
N TYR A 32 25.85 -17.26 5.75
CA TYR A 32 26.97 -16.46 5.29
C TYR A 32 27.81 -17.31 4.35
N GLY A 33 28.81 -16.69 3.73
CA GLY A 33 29.64 -17.37 2.76
C GLY A 33 29.55 -16.67 1.42
N GLU A 34 30.27 -17.20 0.43
CA GLU A 34 30.27 -16.61 -0.89
C GLU A 34 28.89 -16.74 -1.54
N ASN A 35 28.22 -17.86 -1.28
CA ASN A 35 26.92 -18.16 -1.86
C ASN A 35 25.82 -18.29 -0.80
N CYS A 36 26.06 -17.72 0.38
CA CYS A 36 25.08 -17.77 1.46
C CYS A 36 24.69 -19.21 1.78
N SER A 37 25.68 -20.09 1.83
CA SER A 37 25.44 -21.53 2.00
C SER A 37 25.71 -21.98 3.42
N THR A 38 26.62 -21.30 4.11
CA THR A 38 27.04 -21.70 5.45
C THR A 38 26.03 -21.22 6.50
N PRO A 39 25.30 -22.16 7.13
CA PRO A 39 24.32 -21.73 8.14
C PRO A 39 24.97 -21.13 9.38
N GLU A 40 24.32 -20.14 9.97
CA GLU A 40 24.78 -19.58 11.23
C GLU A 40 24.39 -20.54 12.35
N PHE A 41 24.84 -20.26 13.56
CA PHE A 41 24.60 -21.16 14.68
C PHE A 41 23.11 -21.37 14.90
N LEU A 42 22.34 -20.29 14.90
CA LEU A 42 20.91 -20.38 15.17
C LEU A 42 20.19 -21.11 14.05
N THR A 43 20.51 -20.73 12.83
CA THR A 43 19.94 -21.34 11.64
C THR A 43 20.12 -22.85 11.68
N ARG A 44 21.26 -23.27 12.22
CA ARG A 44 21.61 -24.67 12.31
C ARG A 44 20.71 -25.40 13.30
N ILE A 45 20.33 -24.74 14.36
CA ILE A 45 19.43 -25.32 15.30
C ILE A 45 18.05 -25.42 14.72
N LYS A 46 17.55 -24.31 14.22
CA LYS A 46 16.26 -24.26 13.57
C LYS A 46 16.12 -25.34 12.51
N LEU A 47 17.09 -25.39 11.61
CA LEU A 47 17.06 -26.33 10.49
C LEU A 47 16.98 -27.78 10.95
N PHE A 48 17.49 -28.05 12.14
CA PHE A 48 17.51 -29.40 12.67
C PHE A 48 16.19 -29.77 13.33
N LEU A 49 15.54 -28.79 13.95
CA LEU A 49 14.28 -29.03 14.65
C LEU A 49 13.07 -28.94 13.72
N LYS A 50 13.28 -28.36 12.54
CA LYS A 50 12.19 -28.11 11.61
C LYS A 50 11.71 -29.39 10.91
N PRO A 51 10.41 -29.72 11.01
CA PRO A 51 9.91 -30.91 10.32
C PRO A 51 9.72 -30.69 8.82
N THR A 52 9.79 -31.76 8.02
CA THR A 52 9.49 -31.65 6.60
C THR A 52 8.01 -31.32 6.42
N PRO A 53 7.66 -30.56 5.37
CA PRO A 53 6.25 -30.28 5.11
C PRO A 53 5.40 -31.55 4.99
N ASN A 54 5.99 -32.61 4.42
CA ASN A 54 5.29 -33.88 4.30
C ASN A 54 4.95 -34.46 5.67
N THR A 55 5.86 -34.29 6.63
CA THR A 55 5.61 -34.69 8.00
C THR A 55 4.43 -33.88 8.56
N VAL A 56 4.56 -32.57 8.44
CA VAL A 56 3.53 -31.66 8.94
C VAL A 56 2.18 -31.95 8.30
N HIS A 57 2.19 -32.30 7.02
CA HIS A 57 0.96 -32.63 6.32
C HIS A 57 0.37 -33.93 6.85
N TYR A 58 1.22 -34.90 7.17
CA TYR A 58 0.77 -36.16 7.71
C TYR A 58 0.10 -35.96 9.03
N ILE A 59 0.73 -35.16 9.84
CA ILE A 59 0.24 -34.88 11.18
C ILE A 59 -1.09 -34.15 11.14
N LEU A 60 -1.22 -33.22 10.21
CA LEU A 60 -2.42 -32.39 10.10
C LEU A 60 -3.59 -33.16 9.49
N THR A 61 -3.28 -34.11 8.62
CA THR A 61 -4.31 -34.91 7.96
C THR A 61 -4.54 -36.25 8.65
N HIS A 62 -4.03 -36.37 9.88
CA HIS A 62 -4.25 -37.57 10.70
C HIS A 62 -4.61 -37.18 12.12
N PHE A 63 -4.93 -38.18 12.94
CA PHE A 63 -5.23 -37.98 14.35
C PHE A 63 -6.49 -37.13 14.51
N LYS A 64 -7.55 -37.53 13.81
CA LYS A 64 -8.80 -36.80 13.77
C LYS A 64 -9.37 -36.47 15.15
N GLY A 65 -9.40 -37.47 16.04
CA GLY A 65 -9.95 -37.29 17.37
C GLY A 65 -9.20 -36.25 18.18
N PHE A 66 -7.90 -36.16 17.92
CA PHE A 66 -7.05 -35.19 18.60
C PHE A 66 -7.38 -33.77 18.15
N TRP A 67 -7.44 -33.56 16.84
CA TRP A 67 -7.77 -32.25 16.29
C TRP A 67 -9.16 -31.78 16.70
N ASN A 68 -10.12 -32.70 16.76
CA ASN A 68 -11.47 -32.38 17.18
C ASN A 68 -11.51 -31.84 18.61
N VAL A 69 -10.50 -32.19 19.40
CA VAL A 69 -10.39 -31.66 20.76
C VAL A 69 -9.66 -30.32 20.72
N VAL A 70 -8.57 -30.27 19.96
CA VAL A 70 -7.81 -29.03 19.80
C VAL A 70 -8.67 -27.92 19.23
N ASN A 71 -9.54 -28.27 18.28
CA ASN A 71 -10.43 -27.28 17.66
C ASN A 71 -11.34 -26.61 18.68
N ASN A 72 -11.66 -27.32 19.75
CA ASN A 72 -12.58 -26.82 20.78
C ASN A 72 -11.85 -26.24 21.98
N ILE A 73 -10.54 -26.07 21.87
CA ILE A 73 -9.74 -25.40 22.88
C ILE A 73 -9.22 -24.10 22.28
N PRO A 74 -10.01 -23.02 22.38
CA PRO A 74 -9.70 -21.73 21.74
C PRO A 74 -8.25 -21.28 21.91
N PHE A 75 -7.68 -21.44 23.07
CA PHE A 75 -6.32 -21.04 23.27
C PHE A 75 -5.37 -21.81 22.35
N LEU A 76 -5.61 -23.09 22.17
CA LEU A 76 -4.76 -23.90 21.31
C LEU A 76 -5.01 -23.63 19.83
N ARG A 77 -6.27 -23.64 19.44
CA ARG A 77 -6.65 -23.40 18.05
C ARG A 77 -6.14 -22.05 17.57
N ASN A 78 -6.30 -21.03 18.41
CA ASN A 78 -5.84 -19.69 18.08
C ASN A 78 -4.32 -19.63 17.92
N ALA A 79 -3.62 -20.27 18.86
CA ALA A 79 -2.16 -20.28 18.85
C ALA A 79 -1.62 -20.98 17.60
N ILE A 80 -2.29 -22.05 17.20
CA ILE A 80 -1.87 -22.80 16.01
C ILE A 80 -2.15 -21.99 14.76
N MET A 81 -3.38 -21.51 14.61
CA MET A 81 -3.77 -20.72 13.46
C MET A 81 -2.87 -19.51 13.32
N SER A 82 -2.57 -18.87 14.45
CA SER A 82 -1.69 -17.71 14.47
C SER A 82 -0.32 -18.04 13.91
N TYR A 83 0.17 -19.24 14.20
CA TYR A 83 1.48 -19.66 13.71
C TYR A 83 1.46 -19.94 12.22
N VAL A 84 0.41 -20.63 11.76
CA VAL A 84 0.20 -20.87 10.34
C VAL A 84 0.30 -19.58 9.55
N LEU A 85 -0.36 -18.53 10.05
CA LEU A 85 -0.41 -17.26 9.34
C LEU A 85 0.94 -16.56 9.32
N THR A 86 1.53 -16.37 10.50
CA THR A 86 2.80 -15.66 10.61
C THR A 86 3.92 -16.38 9.87
N SER A 87 3.98 -17.70 10.01
CA SER A 87 5.09 -18.47 9.45
C SER A 87 5.02 -18.55 7.92
N ARG A 88 3.82 -18.76 7.37
CA ARG A 88 3.67 -18.82 5.93
C ARG A 88 3.87 -17.43 5.30
N SER A 89 3.40 -16.39 5.98
CA SER A 89 3.48 -15.03 5.46
C SER A 89 4.92 -14.52 5.36
N HIS A 90 5.78 -15.03 6.22
CA HIS A 90 7.20 -14.63 6.22
C HIS A 90 7.90 -14.97 4.90
N LEU A 91 7.26 -15.80 4.08
CA LEU A 91 7.83 -16.24 2.81
C LEU A 91 7.58 -15.23 1.70
N ILE A 92 6.61 -14.33 1.91
CA ILE A 92 6.30 -13.29 0.92
C ILE A 92 6.95 -11.98 1.33
N ASP A 93 7.60 -11.33 0.36
CA ASP A 93 8.13 -10.00 0.57
C ASP A 93 7.00 -8.99 0.48
N SER A 94 6.89 -8.15 1.50
CA SER A 94 5.83 -7.17 1.61
C SER A 94 6.36 -5.97 2.40
N PRO A 95 6.50 -4.80 1.76
CA PRO A 95 6.21 -4.41 0.37
C PRO A 95 6.86 -5.31 -0.67
N PRO A 96 6.28 -5.37 -1.88
CA PRO A 96 6.75 -6.28 -2.92
C PRO A 96 8.04 -5.79 -3.58
N THR A 97 8.66 -6.63 -4.38
CA THR A 97 9.98 -6.33 -4.94
C THR A 97 10.01 -6.41 -6.48
N TYR A 98 10.33 -7.58 -7.01
CA TYR A 98 10.58 -7.73 -8.44
C TYR A 98 9.32 -7.81 -9.28
N ASN A 99 9.46 -7.53 -10.58
CA ASN A 99 8.42 -7.84 -11.56
C ASN A 99 9.07 -8.36 -12.84
N ALA A 100 8.29 -8.53 -13.89
CA ALA A 100 8.76 -9.13 -15.13
C ALA A 100 9.97 -8.40 -15.73
N ASP A 101 10.02 -7.09 -15.54
CA ASP A 101 11.04 -6.25 -16.16
C ASP A 101 12.21 -5.91 -15.25
N TYR A 102 12.19 -6.39 -14.01
CA TYR A 102 13.22 -6.00 -13.04
C TYR A 102 13.69 -7.15 -12.16
N GLY A 103 14.90 -7.64 -12.44
CA GLY A 103 15.54 -8.64 -11.61
C GLY A 103 16.37 -8.00 -10.50
N TYR A 104 16.27 -6.68 -10.38
CA TYR A 104 16.85 -5.95 -9.27
C TYR A 104 15.79 -5.02 -8.70
N LYS A 105 15.92 -4.68 -7.42
CA LYS A 105 14.99 -3.75 -6.79
C LYS A 105 15.07 -2.39 -7.47
N SER A 106 13.90 -1.82 -7.74
CA SER A 106 13.80 -0.50 -8.35
C SER A 106 12.51 0.15 -7.90
N TRP A 107 12.44 1.48 -8.01
CA TRP A 107 11.22 2.18 -7.63
C TRP A 107 10.11 1.94 -8.63
N GLU A 108 10.47 1.71 -9.89
CA GLU A 108 9.50 1.43 -10.93
C GLU A 108 8.77 0.12 -10.61
N ALA A 109 9.51 -0.88 -10.17
CA ALA A 109 8.92 -2.18 -9.85
C ALA A 109 8.05 -2.10 -8.59
N PHE A 110 8.49 -1.34 -7.59
CA PHE A 110 7.70 -1.17 -6.38
C PHE A 110 6.39 -0.42 -6.63
N SER A 111 6.48 0.72 -7.30
CA SER A 111 5.38 1.67 -7.32
C SER A 111 4.35 1.44 -8.44
N ASN A 112 4.73 0.71 -9.47
CA ASN A 112 3.85 0.52 -10.62
C ASN A 112 2.88 -0.64 -10.39
N LEU A 113 1.63 -0.30 -10.10
CA LEU A 113 0.62 -1.29 -9.71
C LEU A 113 0.06 -2.08 -10.89
N SER A 114 0.46 -1.75 -12.10
CA SER A 114 -0.05 -2.43 -13.29
C SER A 114 0.66 -3.74 -13.53
N TYR A 115 1.83 -3.91 -12.91
CA TYR A 115 2.55 -5.18 -12.95
C TYR A 115 2.04 -6.17 -11.92
N TYR A 116 2.01 -7.45 -12.27
CA TYR A 116 2.10 -8.51 -11.28
C TYR A 116 3.49 -8.39 -10.66
N THR A 117 3.62 -8.65 -9.37
CA THR A 117 4.95 -8.69 -8.76
C THR A 117 5.52 -10.10 -8.92
N ARG A 118 6.77 -10.27 -8.52
CA ARG A 118 7.45 -11.55 -8.70
C ARG A 118 8.13 -11.99 -7.42
N ALA A 119 7.98 -13.27 -7.10
CA ALA A 119 8.59 -13.85 -5.91
C ALA A 119 10.06 -14.15 -6.20
N LEU A 120 10.33 -14.66 -7.40
CA LEU A 120 11.68 -14.80 -7.91
C LEU A 120 11.88 -13.86 -9.09
N PRO A 121 13.04 -13.20 -9.17
CA PRO A 121 13.23 -12.27 -10.29
C PRO A 121 13.29 -13.00 -11.63
N PRO A 122 13.09 -12.27 -12.73
CA PRO A 122 13.22 -12.90 -14.04
C PRO A 122 14.65 -13.34 -14.33
N VAL A 123 14.81 -14.43 -15.04
CA VAL A 123 16.11 -14.84 -15.53
C VAL A 123 16.66 -13.70 -16.37
N PRO A 124 17.89 -13.25 -16.09
CA PRO A 124 18.42 -12.10 -16.86
C PRO A 124 18.45 -12.36 -18.36
N ASP A 125 18.51 -11.28 -19.13
CA ASP A 125 18.31 -11.35 -20.57
C ASP A 125 19.40 -12.15 -21.30
N ASP A 126 20.65 -11.87 -20.98
CA ASP A 126 21.77 -12.50 -21.67
C ASP A 126 22.30 -13.70 -20.88
N CYS A 127 21.62 -14.83 -21.02
CA CYS A 127 22.00 -16.04 -20.30
C CYS A 127 22.25 -17.23 -21.22
N PRO A 128 23.09 -18.15 -20.80
CA PRO A 128 23.38 -19.31 -21.59
C PRO A 128 22.13 -20.07 -22.01
N THR A 129 21.20 -20.24 -21.10
CA THR A 129 19.94 -20.91 -21.40
C THR A 129 18.78 -20.02 -20.98
N PRO A 130 17.56 -20.35 -21.43
CA PRO A 130 16.36 -19.61 -21.03
C PRO A 130 16.21 -19.49 -19.52
N LEU A 131 16.54 -20.56 -18.79
CA LEU A 131 16.39 -20.59 -17.34
C LEU A 131 17.65 -20.13 -16.62
N GLY A 132 18.69 -19.81 -17.38
CA GLY A 132 19.96 -19.38 -16.81
C GLY A 132 21.12 -20.14 -17.42
N VAL A 133 21.54 -21.22 -16.77
CA VAL A 133 22.61 -22.07 -17.27
C VAL A 133 22.19 -23.51 -17.46
N LYS A 134 21.15 -23.94 -16.79
CA LYS A 134 20.64 -25.29 -16.91
C LYS A 134 19.75 -25.47 -18.12
N GLY A 135 19.58 -26.70 -18.57
CA GLY A 135 18.73 -27.01 -19.70
C GLY A 135 19.43 -26.79 -21.03
N LYS A 136 18.68 -26.99 -22.12
CA LYS A 136 19.21 -26.79 -23.46
C LYS A 136 19.04 -25.32 -23.87
N LYS A 137 19.56 -24.96 -25.04
CA LYS A 137 19.52 -23.59 -25.52
C LYS A 137 18.08 -23.17 -25.82
N GLN A 138 17.25 -24.13 -26.19
CA GLN A 138 15.82 -23.88 -26.42
C GLN A 138 14.98 -24.85 -25.59
N LEU A 139 13.97 -24.30 -24.92
CA LEU A 139 13.06 -25.13 -24.13
C LEU A 139 12.23 -25.98 -25.08
N PRO A 140 11.72 -27.13 -24.58
CA PRO A 140 10.92 -28.01 -25.43
C PRO A 140 9.67 -27.33 -25.99
N ASP A 141 9.12 -27.88 -27.06
CA ASP A 141 7.92 -27.33 -27.67
C ASP A 141 6.74 -27.48 -26.71
N SER A 142 6.04 -26.37 -26.46
CA SER A 142 5.03 -26.33 -25.42
C SER A 142 3.85 -27.25 -25.69
N ASN A 143 3.42 -27.33 -26.95
CA ASN A 143 2.31 -28.20 -27.31
C ASN A 143 2.64 -29.67 -27.09
N GLU A 144 3.90 -30.01 -27.29
CA GLU A 144 4.37 -31.37 -27.04
C GLU A 144 4.30 -31.69 -25.55
N ILE A 145 4.67 -30.73 -24.71
CA ILE A 145 4.57 -30.88 -23.26
C ILE A 145 3.13 -31.17 -22.86
N VAL A 146 2.20 -30.40 -23.42
CA VAL A 146 0.79 -30.55 -23.10
C VAL A 146 0.31 -31.96 -23.45
N GLU A 147 0.50 -32.34 -24.71
CA GLU A 147 0.05 -33.64 -25.20
C GLU A 147 0.65 -34.80 -24.41
N LYS A 148 1.96 -34.73 -24.19
CA LYS A 148 2.69 -35.85 -23.59
C LYS A 148 2.48 -35.98 -22.09
N LEU A 149 2.24 -34.86 -21.41
CA LEU A 149 2.26 -34.84 -19.95
C LEU A 149 0.99 -34.31 -19.29
N LEU A 150 0.27 -33.41 -19.96
CA LEU A 150 -0.85 -32.71 -19.34
C LEU A 150 -2.20 -33.09 -19.93
N LEU A 151 -2.23 -33.46 -21.20
CA LEU A 151 -3.49 -33.73 -21.87
C LEU A 151 -4.17 -34.96 -21.29
N ARG A 152 -5.48 -34.83 -21.05
CA ARG A 152 -6.27 -35.89 -20.42
C ARG A 152 -6.56 -37.05 -21.36
N ARG A 153 -6.36 -38.26 -20.87
CA ARG A 153 -6.79 -39.46 -21.56
C ARG A 153 -8.18 -39.82 -21.05
N LYS A 154 -8.23 -40.41 -19.86
CA LYS A 154 -9.47 -40.74 -19.18
C LYS A 154 -9.58 -39.85 -17.94
N PHE A 155 -10.79 -39.41 -17.63
CA PHE A 155 -11.02 -38.52 -16.50
C PHE A 155 -10.51 -39.10 -15.19
N ILE A 156 -9.71 -38.32 -14.48
CA ILE A 156 -9.18 -38.71 -13.18
C ILE A 156 -9.79 -37.84 -12.09
N PRO A 157 -10.83 -38.36 -11.40
CA PRO A 157 -11.53 -37.55 -10.40
C PRO A 157 -10.66 -37.20 -9.20
N ASP A 158 -11.10 -36.23 -8.41
CA ASP A 158 -10.34 -35.78 -7.25
C ASP A 158 -10.54 -36.71 -6.06
N PRO A 159 -9.46 -37.31 -5.54
CA PRO A 159 -9.62 -38.18 -4.37
C PRO A 159 -10.17 -37.46 -3.13
N GLN A 160 -9.95 -36.16 -3.01
CA GLN A 160 -10.49 -35.40 -1.89
C GLN A 160 -11.96 -35.07 -2.09
N GLY A 161 -12.48 -35.40 -3.26
CA GLY A 161 -13.90 -35.27 -3.53
C GLY A 161 -14.37 -33.86 -3.88
N SER A 162 -13.46 -33.02 -4.37
CA SER A 162 -13.82 -31.66 -4.77
C SER A 162 -14.87 -31.70 -5.86
N ASN A 163 -15.88 -30.85 -5.75
CA ASN A 163 -16.97 -30.82 -6.72
C ASN A 163 -16.91 -29.55 -7.57
N MET A 164 -17.97 -29.28 -8.33
CA MET A 164 -17.99 -28.14 -9.23
C MET A 164 -18.30 -26.85 -8.48
N MET A 165 -18.98 -26.97 -7.34
CA MET A 165 -19.16 -25.83 -6.44
C MET A 165 -17.79 -25.29 -6.06
N PHE A 166 -16.84 -26.21 -5.87
CA PHE A 166 -15.50 -25.83 -5.49
C PHE A 166 -14.71 -25.26 -6.66
N ALA A 167 -14.88 -25.85 -7.84
CA ALA A 167 -14.11 -25.47 -9.02
C ALA A 167 -14.51 -24.07 -9.49
N PHE A 168 -15.81 -23.80 -9.50
CA PHE A 168 -16.30 -22.51 -9.97
C PHE A 168 -16.12 -21.44 -8.91
N PHE A 169 -16.13 -21.83 -7.64
CA PHE A 169 -15.82 -20.88 -6.58
C PHE A 169 -14.37 -20.45 -6.71
N ALA A 170 -13.49 -21.41 -6.99
CA ALA A 170 -12.08 -21.12 -7.20
C ALA A 170 -11.90 -20.12 -8.34
N GLN A 171 -12.55 -20.40 -9.45
CA GLN A 171 -12.46 -19.54 -10.63
C GLN A 171 -13.06 -18.16 -10.37
N HIS A 172 -14.26 -18.13 -9.80
CA HIS A 172 -14.95 -16.88 -9.52
C HIS A 172 -14.15 -16.00 -8.57
N PHE A 173 -13.72 -16.58 -7.46
CA PHE A 173 -13.07 -15.82 -6.39
C PHE A 173 -11.71 -15.26 -6.79
N THR A 174 -10.90 -16.08 -7.47
CA THR A 174 -9.55 -15.65 -7.82
C THR A 174 -9.53 -14.68 -9.00
N HIS A 175 -10.59 -14.70 -9.81
CA HIS A 175 -10.62 -13.84 -10.99
C HIS A 175 -10.90 -12.38 -10.65
N GLN A 176 -10.98 -12.06 -9.36
CA GLN A 176 -11.03 -10.68 -8.94
C GLN A 176 -9.61 -10.11 -8.83
N PHE A 177 -8.62 -10.96 -8.55
CA PHE A 177 -7.23 -10.50 -8.52
C PHE A 177 -6.34 -11.13 -9.58
N PHE A 178 -6.85 -12.10 -10.33
CA PHE A 178 -6.18 -12.56 -11.55
C PHE A 178 -6.91 -11.98 -12.76
N LYS A 179 -6.40 -10.84 -13.24
CA LYS A 179 -7.03 -10.10 -14.32
C LYS A 179 -5.98 -9.55 -15.26
N THR A 180 -5.24 -10.44 -15.93
CA THR A 180 -4.09 -9.96 -16.69
C THR A 180 -4.55 -9.17 -17.89
N ASP A 181 -3.84 -8.08 -18.12
CA ASP A 181 -4.13 -7.18 -19.22
C ASP A 181 -3.39 -7.65 -20.47
N HIS A 182 -4.07 -8.41 -21.32
CA HIS A 182 -3.42 -9.08 -22.43
C HIS A 182 -3.16 -8.15 -23.62
N LYS A 183 -3.74 -6.95 -23.61
CA LYS A 183 -3.40 -5.96 -24.62
C LYS A 183 -1.97 -5.48 -24.38
N ARG A 184 -1.54 -5.61 -23.14
CA ARG A 184 -0.22 -5.21 -22.74
C ARG A 184 0.75 -6.36 -22.66
N GLY A 185 0.25 -7.49 -22.20
CA GLY A 185 1.06 -8.69 -22.05
C GLY A 185 0.84 -9.36 -20.71
N PRO A 186 1.30 -10.61 -20.58
CA PRO A 186 1.06 -11.45 -19.40
C PRO A 186 1.63 -10.90 -18.09
N ALA A 187 2.52 -9.92 -18.19
CA ALA A 187 3.18 -9.38 -17.01
C ALA A 187 2.31 -8.34 -16.29
N PHE A 188 1.17 -7.99 -16.88
CA PHE A 188 0.36 -6.88 -16.39
C PHE A 188 -1.02 -7.32 -15.94
N THR A 189 -1.58 -6.59 -14.99
CA THR A 189 -2.90 -6.86 -14.43
C THR A 189 -3.78 -5.63 -14.49
N ASN A 190 -5.09 -5.86 -14.58
CA ASN A 190 -6.09 -4.80 -14.47
C ASN A 190 -6.67 -4.68 -13.07
N GLY A 191 -6.27 -5.58 -12.17
CA GLY A 191 -6.78 -5.59 -10.81
C GLY A 191 -5.86 -4.83 -9.87
N LEU A 192 -5.98 -3.51 -9.88
CA LEU A 192 -5.03 -2.66 -9.18
C LEU A 192 -5.24 -2.65 -7.67
N GLY A 193 -6.32 -3.26 -7.20
CA GLY A 193 -6.54 -3.44 -5.78
C GLY A 193 -5.66 -4.53 -5.22
N HIS A 194 -5.19 -5.40 -6.12
CA HIS A 194 -4.22 -6.44 -5.79
C HIS A 194 -4.64 -7.32 -4.61
N GLY A 195 -5.91 -7.72 -4.60
CA GLY A 195 -6.40 -8.63 -3.59
C GLY A 195 -7.90 -8.80 -3.60
N VAL A 196 -8.46 -8.90 -2.40
CA VAL A 196 -9.87 -9.20 -2.22
C VAL A 196 -10.68 -7.93 -1.99
N ASP A 197 -10.97 -7.21 -3.08
CA ASP A 197 -11.75 -5.98 -3.03
C ASP A 197 -13.14 -6.15 -3.63
N LEU A 198 -13.41 -7.36 -4.12
CA LEU A 198 -14.70 -7.68 -4.74
C LEU A 198 -15.01 -6.78 -5.94
N ASN A 199 -13.97 -6.43 -6.70
CA ASN A 199 -14.18 -5.67 -7.93
C ASN A 199 -14.95 -6.49 -8.95
N HIS A 200 -14.89 -7.81 -8.82
CA HIS A 200 -15.61 -8.69 -9.73
C HIS A 200 -17.11 -8.69 -9.43
N ILE A 201 -17.51 -7.97 -8.39
CA ILE A 201 -18.92 -7.72 -8.09
C ILE A 201 -19.27 -6.28 -8.38
N TYR A 202 -18.40 -5.36 -7.94
CA TYR A 202 -18.72 -3.94 -7.92
C TYR A 202 -18.11 -3.16 -9.07
N GLY A 203 -17.16 -3.77 -9.76
CA GLY A 203 -16.45 -3.10 -10.84
C GLY A 203 -15.13 -2.54 -10.35
N GLU A 204 -14.16 -2.52 -11.25
CA GLU A 204 -12.82 -2.04 -10.94
C GLU A 204 -12.80 -0.52 -10.73
N THR A 205 -13.53 0.20 -11.56
CA THR A 205 -13.54 1.67 -11.51
C THR A 205 -14.83 2.19 -10.90
N LEU A 206 -14.81 3.43 -10.42
CA LEU A 206 -16.00 4.07 -9.89
C LEU A 206 -17.04 4.24 -11.00
N ALA A 207 -16.55 4.42 -12.23
CA ALA A 207 -17.43 4.61 -13.37
C ALA A 207 -18.29 3.36 -13.62
N ARG A 208 -17.68 2.19 -13.52
CA ARG A 208 -18.41 0.94 -13.70
C ARG A 208 -19.35 0.70 -12.52
N GLN A 209 -18.88 0.97 -11.31
CA GLN A 209 -19.68 0.81 -10.11
C GLN A 209 -20.97 1.62 -10.19
N ARG A 210 -20.86 2.84 -10.73
CA ARG A 210 -22.00 3.73 -10.85
C ARG A 210 -23.03 3.20 -11.83
N LYS A 211 -22.57 2.43 -12.81
CA LYS A 211 -23.46 1.84 -13.80
C LYS A 211 -24.22 0.62 -13.24
N LEU A 212 -23.63 -0.04 -12.26
CA LEU A 212 -24.19 -1.27 -11.71
C LEU A 212 -25.04 -1.02 -10.49
N ARG A 213 -24.87 0.15 -9.86
CA ARG A 213 -25.61 0.46 -8.65
C ARG A 213 -27.01 0.98 -8.95
N LEU A 214 -27.90 0.82 -7.98
CA LEU A 214 -29.28 1.26 -8.09
C LEU A 214 -29.44 2.68 -7.56
N PHE A 215 -28.58 3.04 -6.61
CA PHE A 215 -28.61 4.33 -5.94
C PHE A 215 -29.92 4.52 -5.18
N LYS A 216 -30.53 3.39 -4.81
CA LYS A 216 -31.62 3.35 -3.86
C LYS A 216 -31.30 2.28 -2.81
N ASP A 217 -31.31 2.67 -1.55
CA ASP A 217 -31.14 1.74 -0.43
C ASP A 217 -29.82 0.98 -0.48
N GLY A 218 -28.82 1.55 -1.14
CA GLY A 218 -27.48 0.97 -1.16
C GLY A 218 -27.36 -0.22 -2.09
N LYS A 219 -28.41 -0.51 -2.83
CA LYS A 219 -28.50 -1.76 -3.58
C LYS A 219 -27.82 -1.71 -4.94
N MET A 220 -27.69 -2.88 -5.52
CA MET A 220 -27.15 -3.05 -6.86
C MET A 220 -28.30 -3.39 -7.79
N LYS A 221 -28.25 -2.90 -9.03
CA LYS A 221 -29.29 -3.16 -10.01
C LYS A 221 -29.48 -4.66 -10.20
N TYR A 222 -30.70 -5.07 -10.56
CA TYR A 222 -31.00 -6.48 -10.77
C TYR A 222 -32.26 -6.62 -11.61
N GLN A 223 -32.49 -7.82 -12.13
CA GLN A 223 -33.76 -8.16 -12.75
C GLN A 223 -34.47 -9.17 -11.87
N ILE A 224 -35.80 -9.23 -12.01
CA ILE A 224 -36.56 -10.35 -11.47
C ILE A 224 -37.02 -11.20 -12.64
N ILE A 225 -36.43 -12.38 -12.77
CA ILE A 225 -36.81 -13.33 -13.81
C ILE A 225 -37.32 -14.60 -13.14
N ASP A 226 -38.53 -15.01 -13.50
CA ASP A 226 -39.16 -16.19 -12.92
C ASP A 226 -39.25 -16.09 -11.39
N GLY A 227 -39.48 -14.88 -10.91
CA GLY A 227 -39.67 -14.65 -9.49
C GLY A 227 -38.38 -14.61 -8.68
N GLU A 228 -37.24 -14.56 -9.37
CA GLU A 228 -35.94 -14.58 -8.71
C GLU A 228 -35.00 -13.49 -9.20
N MET A 229 -34.12 -13.05 -8.32
CA MET A 229 -33.20 -11.95 -8.60
C MET A 229 -32.01 -12.40 -9.45
N TYR A 230 -31.78 -11.70 -10.55
CA TYR A 230 -30.63 -11.96 -11.41
C TYR A 230 -29.88 -10.67 -11.66
N PRO A 231 -28.67 -10.76 -12.24
CA PRO A 231 -27.95 -9.54 -12.58
C PRO A 231 -28.68 -8.73 -13.65
N PRO A 232 -28.42 -7.42 -13.72
CA PRO A 232 -29.01 -6.58 -14.75
C PRO A 232 -28.39 -6.88 -16.12
N THR A 233 -28.91 -6.23 -17.16
CA THR A 233 -28.41 -6.44 -18.50
C THR A 233 -27.39 -5.37 -18.88
N VAL A 234 -26.62 -5.62 -19.92
CA VAL A 234 -25.71 -4.64 -20.46
C VAL A 234 -26.48 -3.43 -20.97
N LYS A 235 -27.65 -3.68 -21.54
CA LYS A 235 -28.46 -2.60 -22.09
C LYS A 235 -28.97 -1.66 -21.00
N ASP A 236 -29.33 -2.22 -19.84
CA ASP A 236 -29.90 -1.44 -18.75
C ASP A 236 -28.83 -0.71 -17.94
N THR A 237 -27.60 -1.22 -17.94
CA THR A 237 -26.52 -0.65 -17.13
C THR A 237 -25.52 0.16 -17.95
N GLN A 238 -25.36 -0.20 -19.22
CA GLN A 238 -24.31 0.34 -20.08
C GLN A 238 -22.93 -0.10 -19.60
N ALA A 239 -22.89 -1.14 -18.78
CA ALA A 239 -21.64 -1.73 -18.33
C ALA A 239 -21.19 -2.79 -19.31
N GLU A 240 -20.09 -2.53 -20.01
CA GLU A 240 -19.57 -3.43 -21.03
C GLU A 240 -19.32 -4.82 -20.47
N MET A 241 -19.68 -5.84 -21.26
CA MET A 241 -19.32 -7.22 -20.97
C MET A 241 -18.69 -7.85 -22.19
N ILE A 242 -18.07 -9.01 -22.01
CA ILE A 242 -17.55 -9.79 -23.13
C ILE A 242 -18.55 -10.87 -23.49
N TYR A 243 -19.20 -10.70 -24.63
CA TYR A 243 -20.13 -11.68 -25.14
C TYR A 243 -19.92 -11.86 -26.64
N PRO A 244 -19.89 -13.12 -27.10
CA PRO A 244 -19.88 -13.29 -28.56
C PRO A 244 -21.19 -12.78 -29.15
N PRO A 245 -21.22 -12.39 -30.40
CA PRO A 245 -22.43 -11.79 -30.96
C PRO A 245 -23.66 -12.69 -30.98
N GLN A 246 -23.45 -13.99 -30.92
CA GLN A 246 -24.57 -14.92 -30.88
C GLN A 246 -25.52 -14.60 -29.72
N VAL A 247 -24.95 -14.09 -28.63
CA VAL A 247 -25.69 -13.89 -27.40
C VAL A 247 -26.73 -12.77 -27.54
N PRO A 248 -28.03 -13.10 -27.37
CA PRO A 248 -29.09 -12.08 -27.47
C PRO A 248 -28.99 -11.04 -26.37
N GLU A 249 -29.54 -9.86 -26.61
CA GLU A 249 -29.37 -8.74 -25.71
C GLU A 249 -29.93 -8.92 -24.33
N HIS A 250 -30.91 -9.76 -24.19
CA HIS A 250 -31.55 -9.94 -22.89
C HIS A 250 -30.79 -10.94 -22.01
N LEU A 251 -29.94 -11.76 -22.62
CA LEU A 251 -29.13 -12.73 -21.86
C LEU A 251 -27.76 -12.17 -21.52
N ARG A 252 -27.47 -10.97 -21.98
CA ARG A 252 -26.20 -10.34 -21.66
C ARG A 252 -26.24 -9.73 -20.27
N PHE A 253 -25.98 -10.56 -19.27
CA PHE A 253 -25.97 -10.11 -17.89
C PHE A 253 -24.75 -9.26 -17.61
N ALA A 254 -24.93 -8.21 -16.83
CA ALA A 254 -23.85 -7.29 -16.49
C ALA A 254 -23.48 -7.45 -15.02
N VAL A 255 -22.23 -7.85 -14.77
CA VAL A 255 -21.70 -7.95 -13.42
C VAL A 255 -20.34 -7.27 -13.36
N GLY A 256 -19.76 -7.21 -12.17
CA GLY A 256 -18.54 -6.47 -11.93
C GLY A 256 -17.40 -6.84 -12.85
N GLN A 257 -17.21 -8.14 -13.07
CA GLN A 257 -16.12 -8.64 -13.90
C GLN A 257 -16.57 -8.84 -15.35
N GLU A 258 -15.88 -8.16 -16.27
CA GLU A 258 -16.21 -8.20 -17.69
C GLU A 258 -16.37 -9.61 -18.25
N VAL A 259 -15.58 -10.54 -17.73
CA VAL A 259 -15.42 -11.85 -18.36
C VAL A 259 -16.30 -12.95 -17.79
N PHE A 260 -17.15 -12.61 -16.82
CA PHE A 260 -17.91 -13.63 -16.10
C PHE A 260 -19.09 -14.16 -16.90
N GLY A 261 -19.26 -13.69 -18.12
CA GLY A 261 -20.21 -14.29 -19.04
C GLY A 261 -19.69 -15.58 -19.66
N LEU A 262 -18.39 -15.84 -19.49
CA LEU A 262 -17.73 -17.00 -20.11
C LEU A 262 -18.42 -18.32 -19.81
N VAL A 263 -18.76 -18.58 -18.54
CA VAL A 263 -19.45 -19.80 -18.18
C VAL A 263 -20.55 -19.55 -17.14
N PRO A 264 -21.68 -20.26 -17.24
CA PRO A 264 -22.78 -20.11 -16.29
C PRO A 264 -22.38 -20.35 -14.84
N GLY A 265 -21.36 -21.17 -14.63
CA GLY A 265 -20.85 -21.42 -13.29
C GLY A 265 -20.36 -20.14 -12.64
N LEU A 266 -19.70 -19.30 -13.42
CA LEU A 266 -19.26 -18.00 -12.94
C LEU A 266 -20.45 -17.09 -12.65
N MET A 267 -21.39 -17.07 -13.59
CA MET A 267 -22.57 -16.23 -13.49
C MET A 267 -23.49 -16.72 -12.36
N MET A 268 -23.37 -17.99 -12.00
CA MET A 268 -24.10 -18.52 -10.86
C MET A 268 -23.66 -17.84 -9.58
N TYR A 269 -22.35 -17.72 -9.40
CA TYR A 269 -21.79 -17.11 -8.20
C TYR A 269 -21.96 -15.60 -8.20
N ALA A 270 -21.89 -14.99 -9.38
CA ALA A 270 -22.11 -13.56 -9.50
C ALA A 270 -23.54 -13.22 -9.06
N THR A 271 -24.47 -14.09 -9.43
CA THR A 271 -25.86 -13.96 -9.04
C THR A 271 -26.04 -14.15 -7.53
N ILE A 272 -25.40 -15.17 -6.97
CA ILE A 272 -25.51 -15.45 -5.55
C ILE A 272 -24.97 -14.29 -4.71
N TRP A 273 -23.80 -13.79 -5.08
CA TRP A 273 -23.19 -12.67 -4.36
C TRP A 273 -23.96 -11.38 -4.55
N LEU A 274 -24.58 -11.21 -5.72
CA LEU A 274 -25.40 -10.03 -5.97
C LEU A 274 -26.61 -10.02 -5.03
N ARG A 275 -27.22 -11.18 -4.86
CA ARG A 275 -28.33 -11.33 -3.93
C ARG A 275 -27.89 -11.06 -2.51
N GLU A 276 -26.72 -11.56 -2.16
CA GLU A 276 -26.21 -11.34 -0.82
C GLU A 276 -26.03 -9.87 -0.52
N HIS A 277 -25.52 -9.12 -1.50
CA HIS A 277 -25.33 -7.69 -1.32
C HIS A 277 -26.64 -7.01 -0.97
N ASN A 278 -27.67 -7.26 -1.77
CA ASN A 278 -28.95 -6.62 -1.57
C ASN A 278 -29.66 -7.12 -0.32
N ARG A 279 -29.32 -8.33 0.10
CA ARG A 279 -29.83 -8.87 1.36
C ARG A 279 -29.24 -8.11 2.54
N VAL A 280 -27.93 -7.86 2.50
CA VAL A 280 -27.27 -7.15 3.58
C VAL A 280 -27.72 -5.69 3.61
N CYS A 281 -28.06 -5.16 2.45
CA CYS A 281 -28.67 -3.83 2.37
C CYS A 281 -29.96 -3.79 3.18
N ASP A 282 -30.79 -4.81 3.02
CA ASP A 282 -32.04 -4.91 3.75
C ASP A 282 -31.79 -5.01 5.25
N VAL A 283 -30.83 -5.83 5.65
CA VAL A 283 -30.47 -5.97 7.06
C VAL A 283 -30.04 -4.64 7.65
N LEU A 284 -29.23 -3.88 6.91
CA LEU A 284 -28.67 -2.65 7.43
C LEU A 284 -29.68 -1.51 7.46
N LYS A 285 -30.65 -1.53 6.55
CA LYS A 285 -31.71 -0.54 6.57
C LYS A 285 -32.54 -0.67 7.84
N GLN A 286 -32.71 -1.90 8.29
CA GLN A 286 -33.42 -2.18 9.54
C GLN A 286 -32.64 -1.61 10.71
N GLU A 287 -31.34 -1.84 10.72
CA GLU A 287 -30.46 -1.36 11.78
C GLU A 287 -30.25 0.15 11.70
N HIS A 288 -30.33 0.68 10.49
CA HIS A 288 -30.10 2.11 10.26
C HIS A 288 -31.08 2.70 9.26
N PRO A 289 -32.31 2.97 9.71
CA PRO A 289 -33.28 3.66 8.85
C PRO A 289 -32.85 5.10 8.54
N GLU A 290 -31.89 5.61 9.29
CA GLU A 290 -31.39 6.97 9.09
C GLU A 290 -30.27 7.03 8.05
N TRP A 291 -29.80 5.87 7.59
CA TRP A 291 -28.69 5.83 6.65
C TRP A 291 -29.15 6.13 5.24
N GLY A 292 -28.25 6.74 4.45
CA GLY A 292 -28.52 7.03 3.07
C GLY A 292 -28.04 5.91 2.18
N ASP A 293 -28.30 6.02 0.88
CA ASP A 293 -27.91 5.00 -0.08
C ASP A 293 -26.40 4.74 -0.07
N GLU A 294 -25.61 5.81 -0.03
CA GLU A 294 -24.17 5.68 -0.14
C GLU A 294 -23.58 4.85 1.00
N GLN A 295 -23.93 5.17 2.24
CA GLN A 295 -23.38 4.47 3.39
C GLN A 295 -23.87 3.03 3.45
N LEU A 296 -25.11 2.80 3.02
CA LEU A 296 -25.66 1.45 2.96
C LEU A 296 -24.87 0.60 1.96
N PHE A 297 -24.56 1.17 0.80
CA PHE A 297 -23.79 0.47 -0.21
C PHE A 297 -22.38 0.16 0.28
N GLN A 298 -21.70 1.17 0.82
CA GLN A 298 -20.32 1.01 1.25
C GLN A 298 -20.20 -0.01 2.39
N THR A 299 -21.11 0.07 3.36
CA THR A 299 -21.05 -0.82 4.50
C THR A 299 -21.37 -2.26 4.10
N SER A 300 -22.25 -2.43 3.11
CA SER A 300 -22.57 -3.75 2.60
C SER A 300 -21.37 -4.37 1.90
N ARG A 301 -20.65 -3.57 1.13
CA ARG A 301 -19.45 -4.03 0.45
C ARG A 301 -18.39 -4.52 1.45
N LEU A 302 -18.20 -3.77 2.53
CA LEU A 302 -17.23 -4.14 3.56
C LEU A 302 -17.62 -5.43 4.26
N ILE A 303 -18.92 -5.63 4.47
CA ILE A 303 -19.42 -6.86 5.07
C ILE A 303 -19.21 -8.04 4.11
N LEU A 304 -19.50 -7.83 2.83
CA LEU A 304 -19.33 -8.88 1.83
C LEU A 304 -17.86 -9.26 1.65
N ILE A 305 -16.97 -8.29 1.82
CA ILE A 305 -15.53 -8.56 1.77
C ILE A 305 -15.17 -9.47 2.94
N GLY A 306 -15.74 -9.18 4.10
CA GLY A 306 -15.54 -10.01 5.27
C GLY A 306 -16.06 -11.42 5.11
N GLU A 307 -17.26 -11.54 4.56
CA GLU A 307 -17.86 -12.84 4.28
C GLU A 307 -16.97 -13.66 3.37
N THR A 308 -16.40 -13.00 2.37
CA THR A 308 -15.58 -13.66 1.38
C THR A 308 -14.34 -14.27 2.02
N ILE A 309 -13.62 -13.47 2.80
CA ILE A 309 -12.41 -13.93 3.46
C ILE A 309 -12.73 -15.02 4.48
N LYS A 310 -13.82 -14.82 5.21
CA LYS A 310 -14.34 -15.82 6.13
C LYS A 310 -14.58 -17.16 5.44
N ILE A 311 -15.36 -17.14 4.36
CA ILE A 311 -15.72 -18.35 3.64
C ILE A 311 -14.50 -18.97 2.97
N VAL A 312 -13.64 -18.13 2.40
CA VAL A 312 -12.45 -18.64 1.72
C VAL A 312 -11.56 -19.41 2.70
N ILE A 313 -11.37 -18.88 3.90
CA ILE A 313 -10.48 -19.52 4.86
C ILE A 313 -11.10 -20.77 5.47
N GLU A 314 -12.32 -20.64 5.98
CA GLU A 314 -12.89 -21.65 6.84
C GLU A 314 -13.69 -22.73 6.10
N ASP A 315 -13.93 -22.52 4.81
CA ASP A 315 -14.64 -23.53 4.00
C ASP A 315 -13.80 -23.99 2.81
N TYR A 316 -13.28 -23.02 2.05
CA TYR A 316 -12.61 -23.30 0.78
C TYR A 316 -11.19 -23.82 0.98
N VAL A 317 -10.35 -23.05 1.67
CA VAL A 317 -8.99 -23.49 1.96
C VAL A 317 -9.04 -24.68 2.91
N GLN A 318 -9.99 -24.64 3.84
CA GLN A 318 -10.24 -25.75 4.75
C GLN A 318 -10.41 -27.06 4.00
N HIS A 319 -11.30 -27.07 3.03
CA HIS A 319 -11.53 -28.25 2.21
C HIS A 319 -10.28 -28.65 1.45
N LEU A 320 -9.65 -27.63 0.90
CA LEU A 320 -8.52 -27.77 0.00
C LEU A 320 -7.30 -28.36 0.71
N SER A 321 -7.14 -28.03 1.98
CA SER A 321 -6.01 -28.50 2.76
C SER A 321 -6.20 -29.96 3.17
N GLY A 322 -7.45 -30.34 3.43
CA GLY A 322 -7.75 -31.66 3.92
C GLY A 322 -7.41 -31.82 5.39
N TYR A 323 -7.04 -30.72 6.04
CA TYR A 323 -6.65 -30.73 7.44
C TYR A 323 -7.84 -31.06 8.33
N HIS A 324 -7.58 -31.82 9.39
CA HIS A 324 -8.58 -32.05 10.42
C HIS A 324 -8.62 -30.85 11.36
N PHE A 325 -7.49 -30.15 11.44
CA PHE A 325 -7.44 -28.89 12.16
C PHE A 325 -8.37 -27.88 11.49
N LYS A 326 -9.20 -27.24 12.30
CA LYS A 326 -10.21 -26.31 11.81
C LYS A 326 -9.63 -24.90 11.69
N LEU A 327 -9.32 -24.49 10.46
CA LEU A 327 -8.75 -23.18 10.20
C LEU A 327 -9.72 -22.08 10.63
N LYS A 328 -9.19 -20.92 10.95
CA LYS A 328 -9.98 -19.83 11.54
C LYS A 328 -9.70 -18.49 10.87
N PHE A 329 -10.75 -17.74 10.58
CA PHE A 329 -10.62 -16.35 10.17
C PHE A 329 -10.81 -15.46 11.39
N ASP A 330 -9.71 -14.91 11.88
CA ASP A 330 -9.75 -14.05 13.05
C ASP A 330 -8.58 -13.07 13.00
N PRO A 331 -8.83 -11.84 12.53
CA PRO A 331 -7.76 -10.85 12.43
C PRO A 331 -7.08 -10.51 13.76
N GLU A 332 -7.74 -10.80 14.88
CA GLU A 332 -7.17 -10.49 16.18
C GLU A 332 -5.96 -11.36 16.48
N LEU A 333 -5.85 -12.49 15.79
CA LEU A 333 -4.71 -13.38 15.94
C LEU A 333 -3.39 -12.71 15.64
N LEU A 334 -3.42 -11.65 14.83
CA LEU A 334 -2.21 -11.01 14.33
C LEU A 334 -1.89 -9.67 14.97
N PHE A 335 -2.78 -9.16 15.82
CA PHE A 335 -2.61 -7.83 16.40
C PHE A 335 -1.37 -7.69 17.28
N ASN A 336 -0.93 -8.79 17.88
CA ASN A 336 0.31 -8.78 18.68
C ASN A 336 1.49 -9.31 17.88
N LYS A 337 1.32 -9.41 16.56
CA LYS A 337 2.35 -9.97 15.69
C LYS A 337 2.85 -8.95 14.68
N GLN A 338 4.02 -9.23 14.11
CA GLN A 338 4.51 -8.47 12.97
C GLN A 338 3.80 -8.96 11.72
N PHE A 339 3.16 -8.04 11.01
CA PHE A 339 2.40 -8.38 9.81
C PHE A 339 2.13 -7.10 9.05
N GLN A 340 2.29 -7.15 7.73
CA GLN A 340 2.01 -6.00 6.88
C GLN A 340 0.61 -6.12 6.26
N TYR A 341 -0.24 -5.14 6.53
CA TYR A 341 -1.58 -5.12 5.95
C TYR A 341 -1.55 -4.48 4.58
N GLN A 342 -0.95 -5.20 3.65
CA GLN A 342 -0.93 -4.84 2.24
C GLN A 342 -0.61 -6.08 1.43
N ASN A 343 -0.84 -6.02 0.13
CA ASN A 343 -0.57 -7.15 -0.73
C ASN A 343 -0.36 -6.72 -2.17
N ARG A 344 0.35 -7.55 -2.91
CA ARG A 344 0.61 -7.34 -4.32
C ARG A 344 0.59 -8.71 -4.98
N ILE A 345 -0.22 -8.86 -6.01
CA ILE A 345 -0.44 -10.16 -6.63
C ILE A 345 0.77 -10.61 -7.42
N ALA A 346 1.24 -11.81 -7.10
CA ALA A 346 2.41 -12.40 -7.75
C ALA A 346 2.02 -13.15 -9.00
N ALA A 347 2.80 -12.98 -10.07
CA ALA A 347 2.54 -13.65 -11.33
C ALA A 347 2.60 -15.17 -11.16
N GLU A 348 3.48 -15.62 -10.28
CA GLU A 348 3.66 -17.05 -10.06
C GLU A 348 2.44 -17.64 -9.39
N PHE A 349 1.79 -16.82 -8.55
CA PHE A 349 0.55 -17.22 -7.91
C PHE A 349 -0.53 -17.41 -8.97
N ASN A 350 -0.51 -16.54 -9.99
CA ASN A 350 -1.42 -16.65 -11.10
C ASN A 350 -1.15 -17.92 -11.91
N THR A 351 0.11 -18.18 -12.21
CA THR A 351 0.50 -19.36 -12.96
C THR A 351 0.08 -20.65 -12.27
N LEU A 352 0.36 -20.76 -10.97
CA LEU A 352 0.08 -21.99 -10.24
C LEU A 352 -1.42 -22.22 -10.08
N TYR A 353 -2.23 -21.18 -10.27
CA TYR A 353 -3.67 -21.29 -10.06
C TYR A 353 -4.44 -21.70 -11.32
N HIS A 354 -3.73 -22.10 -12.36
CA HIS A 354 -4.38 -22.60 -13.57
C HIS A 354 -4.82 -24.05 -13.35
N TRP A 355 -5.87 -24.22 -12.52
CA TRP A 355 -6.36 -25.55 -12.17
C TRP A 355 -7.40 -26.05 -13.15
N HIS A 356 -7.06 -26.09 -14.43
CA HIS A 356 -8.01 -26.52 -15.44
C HIS A 356 -8.24 -28.04 -15.45
N PRO A 357 -7.32 -28.83 -14.86
CA PRO A 357 -7.69 -30.24 -14.70
C PRO A 357 -8.90 -30.46 -13.80
N LEU A 358 -9.29 -29.45 -13.03
CA LEU A 358 -10.51 -29.52 -12.21
C LEU A 358 -11.71 -29.81 -13.09
N LEU A 359 -11.68 -29.27 -14.31
CA LEU A 359 -12.86 -29.24 -15.15
C LEU A 359 -13.24 -30.64 -15.66
N PRO A 360 -14.54 -30.95 -15.71
CA PRO A 360 -15.00 -32.27 -16.12
C PRO A 360 -15.07 -32.40 -17.64
N ASP A 361 -15.43 -33.60 -18.13
CA ASP A 361 -15.57 -33.81 -19.57
C ASP A 361 -16.85 -33.18 -20.08
N THR A 362 -17.91 -33.30 -19.28
CA THR A 362 -19.18 -32.65 -19.58
C THR A 362 -19.73 -32.00 -18.33
N PHE A 363 -20.60 -31.02 -18.50
CA PHE A 363 -21.24 -30.34 -17.39
C PHE A 363 -22.65 -30.89 -17.22
N GLN A 364 -22.95 -31.34 -16.01
CA GLN A 364 -24.17 -32.09 -15.74
C GLN A 364 -25.11 -31.33 -14.82
N ILE A 365 -26.11 -30.69 -15.41
CA ILE A 365 -27.12 -29.95 -14.67
C ILE A 365 -28.43 -30.72 -14.69
N HIS A 366 -28.92 -31.08 -13.50
CA HIS A 366 -30.16 -31.84 -13.40
C HIS A 366 -29.98 -33.18 -14.13
N ASP A 367 -30.86 -33.49 -15.09
CA ASP A 367 -30.78 -34.73 -15.83
C ASP A 367 -30.26 -34.50 -17.26
N GLN A 368 -29.48 -33.44 -17.44
CA GLN A 368 -28.90 -33.12 -18.74
C GLN A 368 -27.38 -33.05 -18.71
N LYS A 369 -26.77 -33.26 -19.87
CA LYS A 369 -25.32 -33.10 -20.05
C LYS A 369 -25.07 -31.95 -21.01
N TYR A 370 -23.96 -31.24 -20.80
CA TYR A 370 -23.53 -30.18 -21.72
C TYR A 370 -22.05 -30.29 -21.99
N ASN A 371 -21.66 -30.31 -23.26
CA ASN A 371 -20.26 -30.21 -23.61
C ASN A 371 -19.85 -28.75 -23.57
N TYR A 372 -18.57 -28.48 -23.80
CA TYR A 372 -18.05 -27.13 -23.68
C TYR A 372 -18.63 -26.21 -24.75
N GLN A 373 -18.89 -26.75 -25.92
CA GLN A 373 -19.49 -25.99 -27.03
C GLN A 373 -20.85 -25.42 -26.62
N GLN A 374 -21.59 -26.18 -25.82
CA GLN A 374 -22.94 -25.80 -25.41
C GLN A 374 -22.94 -24.99 -24.12
N PHE A 375 -21.95 -25.23 -23.27
CA PHE A 375 -21.94 -24.65 -21.92
C PHE A 375 -21.39 -23.23 -21.89
N ILE A 376 -20.33 -22.98 -22.64
CA ILE A 376 -19.66 -21.68 -22.62
C ILE A 376 -20.54 -20.59 -23.22
N TYR A 377 -20.60 -19.45 -22.53
CA TYR A 377 -21.35 -18.28 -22.98
C TYR A 377 -22.85 -18.58 -23.14
N ASN A 378 -23.37 -19.52 -22.36
CA ASN A 378 -24.76 -19.90 -22.43
C ASN A 378 -25.52 -19.70 -21.11
N ASN A 379 -25.96 -18.47 -20.85
CA ASN A 379 -26.73 -18.17 -19.65
C ASN A 379 -28.18 -18.64 -19.78
N SER A 380 -28.58 -19.03 -20.98
CA SER A 380 -29.88 -19.66 -21.19
C SER A 380 -30.00 -20.90 -20.29
N ILE A 381 -28.89 -21.61 -20.14
CA ILE A 381 -28.84 -22.77 -19.26
C ILE A 381 -29.10 -22.35 -17.83
N LEU A 382 -28.62 -21.18 -17.44
CA LEU A 382 -28.76 -20.68 -16.08
C LEU A 382 -30.21 -20.32 -15.77
N LEU A 383 -30.88 -19.64 -16.70
CA LEU A 383 -32.27 -19.27 -16.52
C LEU A 383 -33.19 -20.50 -16.62
N GLU A 384 -32.80 -21.45 -17.47
CA GLU A 384 -33.60 -22.66 -17.68
C GLU A 384 -33.70 -23.51 -16.41
N HIS A 385 -32.56 -23.73 -15.76
CA HIS A 385 -32.51 -24.62 -14.60
C HIS A 385 -32.67 -23.90 -13.27
N GLY A 386 -32.28 -22.63 -13.23
CA GLY A 386 -32.34 -21.86 -11.99
C GLY A 386 -31.12 -22.14 -11.12
N ILE A 387 -30.87 -21.27 -10.14
CA ILE A 387 -29.69 -21.38 -9.30
C ILE A 387 -29.78 -22.61 -8.40
N THR A 388 -30.97 -22.87 -7.86
CA THR A 388 -31.17 -24.01 -6.96
C THR A 388 -30.70 -25.30 -7.61
N GLN A 389 -31.19 -25.56 -8.82
CA GLN A 389 -30.81 -26.75 -9.56
C GLN A 389 -29.31 -26.76 -9.84
N PHE A 390 -28.75 -25.57 -10.08
CA PHE A 390 -27.32 -25.44 -10.34
C PHE A 390 -26.50 -25.87 -9.12
N VAL A 391 -26.94 -25.45 -7.95
CA VAL A 391 -26.24 -25.77 -6.71
C VAL A 391 -26.39 -27.26 -6.41
N GLU A 392 -27.62 -27.76 -6.53
CA GLU A 392 -27.89 -29.19 -6.39
C GLU A 392 -27.00 -30.00 -7.32
N SER A 393 -26.87 -29.55 -8.56
CA SER A 393 -26.11 -30.26 -9.57
C SER A 393 -24.59 -30.17 -9.35
N PHE A 394 -24.09 -28.97 -9.11
CA PHE A 394 -22.65 -28.78 -8.95
C PHE A 394 -22.13 -29.38 -7.66
N THR A 395 -22.98 -29.49 -6.65
CA THR A 395 -22.59 -30.09 -5.38
C THR A 395 -22.30 -31.58 -5.56
N ARG A 396 -23.03 -32.22 -6.47
CA ARG A 396 -22.96 -33.66 -6.65
C ARG A 396 -21.94 -34.08 -7.70
N GLN A 397 -21.52 -33.13 -8.55
CA GLN A 397 -20.59 -33.46 -9.63
C GLN A 397 -19.13 -33.32 -9.19
N ILE A 398 -18.38 -34.41 -9.35
CA ILE A 398 -16.98 -34.45 -8.95
C ILE A 398 -16.10 -33.68 -9.94
N ALA A 399 -15.11 -32.97 -9.41
CA ALA A 399 -14.11 -32.29 -10.22
C ALA A 399 -12.90 -33.20 -10.45
N GLY A 400 -11.98 -32.78 -11.30
CA GLY A 400 -10.83 -33.58 -11.64
C GLY A 400 -9.64 -33.31 -10.74
N ARG A 401 -8.71 -34.26 -10.69
CA ARG A 401 -7.49 -34.13 -9.91
C ARG A 401 -6.53 -33.19 -10.62
N VAL A 402 -5.89 -32.29 -9.87
CA VAL A 402 -5.03 -31.26 -10.45
C VAL A 402 -3.58 -31.73 -10.59
N ALA A 403 -3.08 -32.45 -9.59
CA ALA A 403 -1.74 -33.02 -9.67
C ALA A 403 -1.81 -34.43 -10.23
N GLY A 404 -0.67 -35.01 -10.54
CA GLY A 404 -0.60 -36.37 -11.06
C GLY A 404 -0.37 -36.42 -12.55
N GLY A 405 -0.87 -35.42 -13.27
CA GLY A 405 -0.62 -35.29 -14.69
C GLY A 405 -1.74 -35.82 -15.56
N ARG A 406 -1.66 -35.51 -16.85
CA ARG A 406 -2.59 -36.02 -17.86
C ARG A 406 -4.05 -35.96 -17.43
N ASN A 407 -4.55 -34.76 -17.16
CA ASN A 407 -5.94 -34.58 -16.79
C ASN A 407 -6.52 -33.23 -17.22
N VAL A 408 -5.83 -32.54 -18.13
CA VAL A 408 -6.38 -31.32 -18.71
C VAL A 408 -7.31 -31.69 -19.87
N PRO A 409 -8.58 -31.24 -19.81
CA PRO A 409 -9.47 -31.55 -20.93
C PRO A 409 -8.98 -30.96 -22.25
N PRO A 410 -9.23 -31.63 -23.38
CA PRO A 410 -8.78 -31.09 -24.67
C PRO A 410 -9.37 -29.72 -24.96
N ALA A 411 -10.57 -29.47 -24.45
CA ALA A 411 -11.27 -28.21 -24.70
C ALA A 411 -10.44 -27.01 -24.26
N VAL A 412 -9.76 -27.13 -23.12
CA VAL A 412 -8.90 -26.07 -22.60
C VAL A 412 -7.43 -26.44 -22.76
N GLN A 413 -7.14 -27.30 -23.72
CA GLN A 413 -5.76 -27.68 -24.03
C GLN A 413 -4.89 -26.47 -24.32
N LYS A 414 -5.37 -25.58 -25.19
CA LYS A 414 -4.60 -24.41 -25.59
C LYS A 414 -4.35 -23.44 -24.45
N VAL A 415 -5.19 -23.51 -23.42
CA VAL A 415 -5.00 -22.67 -22.26
C VAL A 415 -3.78 -23.13 -21.48
N SER A 416 -3.62 -24.44 -21.33
CA SER A 416 -2.46 -25.00 -20.65
C SER A 416 -1.18 -24.64 -21.38
N GLN A 417 -1.22 -24.72 -22.70
CA GLN A 417 -0.06 -24.35 -23.50
C GLN A 417 0.24 -22.87 -23.36
N ALA A 418 -0.80 -22.06 -23.29
CA ALA A 418 -0.64 -20.61 -23.14
C ALA A 418 0.03 -20.29 -21.82
N SER A 419 -0.28 -21.09 -20.80
CA SER A 419 0.28 -20.89 -19.48
C SER A 419 1.80 -21.08 -19.49
N ILE A 420 2.27 -22.07 -20.27
CA ILE A 420 3.69 -22.34 -20.39
C ILE A 420 4.38 -21.25 -21.20
N ASP A 421 3.79 -20.92 -22.35
CA ASP A 421 4.35 -19.90 -23.23
C ASP A 421 4.47 -18.56 -22.52
N GLN A 422 3.42 -18.16 -21.80
CA GLN A 422 3.40 -16.87 -21.13
C GLN A 422 4.44 -16.79 -20.00
N SER A 423 4.69 -17.90 -19.33
CA SER A 423 5.70 -17.92 -18.27
C SER A 423 7.10 -17.81 -18.87
N ARG A 424 7.26 -18.34 -20.09
CA ARG A 424 8.52 -18.18 -20.81
C ARG A 424 8.73 -16.74 -21.23
N GLN A 425 7.67 -16.08 -21.69
CA GLN A 425 7.72 -14.66 -22.00
C GLN A 425 8.20 -13.85 -20.81
N MET A 426 7.74 -14.25 -19.63
CA MET A 426 8.04 -13.54 -18.39
C MET A 426 9.33 -14.06 -17.76
N LYS A 427 9.95 -15.06 -18.39
CA LYS A 427 11.26 -15.54 -17.99
C LYS A 427 11.28 -16.08 -16.56
N TYR A 428 10.38 -17.01 -16.29
CA TYR A 428 10.36 -17.70 -15.00
C TYR A 428 11.63 -18.53 -14.82
N GLN A 429 12.12 -18.58 -13.60
CA GLN A 429 13.20 -19.51 -13.26
C GLN A 429 12.62 -20.92 -13.23
N SER A 430 13.46 -21.91 -12.98
CA SER A 430 13.04 -23.30 -13.06
C SER A 430 12.21 -23.71 -11.87
N PHE A 431 11.56 -24.86 -12.00
CA PHE A 431 10.74 -25.44 -10.94
C PHE A 431 11.53 -25.64 -9.66
N ASN A 432 12.76 -26.11 -9.79
CA ASN A 432 13.59 -26.37 -8.63
C ASN A 432 14.06 -25.08 -7.96
N GLU A 433 14.20 -24.01 -8.72
CA GLU A 433 14.54 -22.72 -8.14
C GLU A 433 13.39 -22.23 -7.27
N TYR A 434 12.17 -22.52 -7.68
CA TYR A 434 10.99 -22.09 -6.93
C TYR A 434 10.77 -22.96 -5.70
N ARG A 435 11.20 -24.21 -5.77
CA ARG A 435 11.18 -25.09 -4.61
C ARG A 435 12.07 -24.49 -3.52
N LYS A 436 13.28 -24.11 -3.90
CA LYS A 436 14.26 -23.58 -2.96
C LYS A 436 13.80 -22.24 -2.39
N ARG A 437 13.09 -21.46 -3.21
CA ARG A 437 12.57 -20.17 -2.78
C ARG A 437 11.59 -20.31 -1.62
N PHE A 438 10.86 -21.43 -1.59
CA PHE A 438 9.87 -21.70 -0.55
C PHE A 438 10.33 -22.83 0.35
N MET A 439 11.65 -22.97 0.45
CA MET A 439 12.29 -23.81 1.45
C MET A 439 11.93 -25.28 1.32
N LEU A 440 11.91 -25.75 0.08
CA LEU A 440 11.75 -27.18 -0.21
C LEU A 440 13.05 -27.72 -0.76
N LYS A 441 13.25 -29.02 -0.58
CA LYS A 441 14.41 -29.69 -1.14
C LYS A 441 14.23 -29.83 -2.66
N PRO A 442 15.21 -29.40 -3.46
CA PRO A 442 15.06 -29.57 -4.91
C PRO A 442 15.09 -31.04 -5.33
N TYR A 443 14.21 -31.42 -6.25
CA TYR A 443 14.18 -32.78 -6.76
C TYR A 443 15.48 -33.12 -7.49
N GLU A 444 15.99 -34.33 -7.24
CA GLU A 444 17.24 -34.77 -7.83
C GLU A 444 17.02 -35.64 -9.07
N SER A 445 15.76 -36.00 -9.33
CA SER A 445 15.44 -36.84 -10.47
C SER A 445 14.00 -36.65 -10.92
N PHE A 446 13.76 -36.88 -12.21
CA PHE A 446 12.43 -36.79 -12.79
C PHE A 446 11.48 -37.78 -12.11
N GLU A 447 12.06 -38.86 -11.61
CA GLU A 447 11.29 -39.93 -10.99
C GLU A 447 10.82 -39.54 -9.60
N GLU A 448 11.72 -38.91 -8.84
CA GLU A 448 11.38 -38.40 -7.52
C GLU A 448 10.23 -37.41 -7.60
N LEU A 449 10.23 -36.61 -8.67
CA LEU A 449 9.20 -35.62 -8.91
C LEU A 449 7.83 -36.27 -9.14
N THR A 450 7.78 -37.23 -10.05
CA THR A 450 6.50 -37.86 -10.42
C THR A 450 6.23 -39.13 -9.62
N GLY A 451 7.27 -39.74 -9.05
CA GLY A 451 7.13 -40.99 -8.35
C GLY A 451 6.58 -42.06 -9.28
N GLU A 452 7.12 -42.11 -10.48
CA GLU A 452 6.47 -42.79 -11.59
C GLU A 452 7.43 -42.94 -12.78
N LYS A 453 7.12 -43.82 -13.71
CA LYS A 453 8.04 -44.17 -14.80
C LYS A 453 7.71 -43.55 -16.16
N GLU A 454 6.46 -43.57 -16.57
CA GLU A 454 6.12 -43.02 -17.87
C GLU A 454 6.45 -41.55 -18.04
N MET A 455 5.69 -40.69 -17.37
CA MET A 455 5.88 -39.25 -17.49
C MET A 455 7.31 -38.80 -17.18
N SER A 456 7.90 -39.38 -16.13
CA SER A 456 9.26 -39.04 -15.76
C SER A 456 10.22 -39.29 -16.92
N ALA A 457 9.95 -40.33 -17.69
CA ALA A 457 10.73 -40.62 -18.89
C ALA A 457 10.43 -39.60 -19.97
N GLU A 458 9.15 -39.32 -20.20
CA GLU A 458 8.74 -38.29 -21.14
C GLU A 458 9.37 -36.95 -20.78
N LEU A 459 9.41 -36.66 -19.49
CA LEU A 459 9.98 -35.42 -18.98
C LEU A 459 11.46 -35.32 -19.28
N GLU A 460 12.21 -36.38 -18.99
CA GLU A 460 13.64 -36.39 -19.21
C GLU A 460 13.96 -36.26 -20.69
N ALA A 461 13.09 -36.83 -21.52
CA ALA A 461 13.27 -36.75 -22.97
C ALA A 461 13.00 -35.35 -23.49
N LEU A 462 12.15 -34.61 -22.78
CA LEU A 462 11.79 -33.25 -23.16
C LEU A 462 12.80 -32.23 -22.64
N TYR A 463 13.22 -32.40 -21.39
CA TYR A 463 14.05 -31.41 -20.70
C TYR A 463 15.50 -31.84 -20.55
N GLY A 464 15.71 -33.13 -20.31
CA GLY A 464 17.04 -33.65 -20.08
C GLY A 464 17.47 -33.52 -18.62
N ASP A 465 17.62 -32.28 -18.17
CA ASP A 465 18.07 -32.00 -16.80
C ASP A 465 16.89 -31.69 -15.90
N ILE A 466 16.91 -32.23 -14.69
CA ILE A 466 15.81 -32.00 -13.74
C ILE A 466 15.74 -30.53 -13.36
N ASP A 467 16.88 -29.84 -13.42
CA ASP A 467 16.94 -28.41 -13.11
C ASP A 467 16.45 -27.55 -14.28
N ALA A 468 15.94 -28.21 -15.33
CA ALA A 468 15.48 -27.52 -16.52
C ALA A 468 13.96 -27.58 -16.63
N VAL A 469 13.32 -28.35 -15.75
CA VAL A 469 11.87 -28.47 -15.78
C VAL A 469 11.23 -27.16 -15.34
N GLU A 470 10.25 -26.71 -16.11
CA GLU A 470 9.61 -25.43 -15.85
C GLU A 470 8.60 -25.51 -14.72
N LEU A 471 8.21 -24.36 -14.20
CA LEU A 471 7.35 -24.29 -13.02
C LEU A 471 5.96 -24.89 -13.27
N TYR A 472 5.27 -24.43 -14.31
CA TYR A 472 3.89 -24.84 -14.53
C TYR A 472 3.74 -26.34 -14.81
N PRO A 473 4.54 -26.89 -15.74
CA PRO A 473 4.38 -28.31 -16.07
C PRO A 473 4.62 -29.23 -14.87
N ALA A 474 5.69 -28.95 -14.12
CA ALA A 474 6.06 -29.78 -12.98
C ALA A 474 4.95 -29.85 -11.93
N LEU A 475 4.28 -28.72 -11.69
CA LEU A 475 3.22 -28.64 -10.69
C LEU A 475 2.06 -29.59 -10.99
N LEU A 476 1.76 -29.79 -12.26
CA LEU A 476 0.64 -30.64 -12.66
C LEU A 476 1.02 -32.10 -12.77
N VAL A 477 2.30 -32.40 -12.89
CA VAL A 477 2.77 -33.78 -12.98
C VAL A 477 3.45 -34.23 -11.69
N GLU A 478 3.52 -33.33 -10.70
CA GLU A 478 4.13 -33.69 -9.42
C GLU A 478 3.33 -34.77 -8.72
N LYS A 479 4.03 -35.64 -8.01
CA LYS A 479 3.38 -36.70 -7.22
C LYS A 479 2.42 -36.08 -6.21
N PRO A 480 1.11 -36.39 -6.33
CA PRO A 480 0.20 -35.84 -5.33
C PRO A 480 0.48 -36.38 -3.94
N ARG A 481 0.14 -35.62 -2.91
CA ARG A 481 0.12 -36.16 -1.56
C ARG A 481 -0.86 -37.33 -1.55
N PRO A 482 -0.70 -38.25 -0.59
CA PRO A 482 -1.57 -39.43 -0.46
C PRO A 482 -3.06 -39.08 -0.53
N ASP A 483 -3.73 -39.51 -1.60
CA ASP A 483 -5.15 -39.24 -1.80
C ASP A 483 -5.46 -37.74 -1.79
N ALA A 484 -4.47 -36.93 -2.13
CA ALA A 484 -4.63 -35.48 -2.15
C ALA A 484 -4.86 -34.98 -3.57
N ILE A 485 -5.29 -33.73 -3.68
CA ILE A 485 -5.54 -33.11 -4.97
C ILE A 485 -4.27 -32.45 -5.52
N PHE A 486 -3.36 -32.09 -4.62
CA PHE A 486 -2.13 -31.40 -4.98
C PHE A 486 -0.88 -32.14 -4.56
N GLY A 487 0.24 -31.79 -5.20
CA GLY A 487 1.54 -32.24 -4.76
C GLY A 487 2.10 -31.31 -3.72
N GLU A 488 3.32 -31.57 -3.28
CA GLU A 488 3.94 -30.79 -2.20
C GLU A 488 4.14 -29.33 -2.59
N THR A 489 4.54 -29.08 -3.83
CA THR A 489 4.98 -27.75 -4.24
C THR A 489 3.83 -26.77 -4.43
N MET A 490 2.71 -27.25 -4.98
CA MET A 490 1.52 -26.43 -5.14
C MET A 490 1.10 -25.81 -3.81
N VAL A 491 1.06 -26.64 -2.77
CA VAL A 491 0.63 -26.20 -1.46
C VAL A 491 1.62 -25.23 -0.83
N GLU A 492 2.90 -25.57 -0.90
CA GLU A 492 3.93 -24.82 -0.18
C GLU A 492 4.26 -23.49 -0.86
N VAL A 493 3.98 -23.40 -2.16
CA VAL A 493 4.14 -22.14 -2.88
C VAL A 493 2.87 -21.31 -2.81
N GLY A 494 1.72 -21.97 -2.96
CA GLY A 494 0.45 -21.28 -3.04
C GLY A 494 -0.05 -20.67 -1.74
N ALA A 495 0.09 -21.41 -0.64
CA ALA A 495 -0.50 -21.01 0.63
C ALA A 495 -0.03 -19.65 1.14
N PRO A 496 1.28 -19.36 1.01
CA PRO A 496 1.75 -18.03 1.42
C PRO A 496 1.14 -16.87 0.63
N PHE A 497 1.03 -17.01 -0.68
CA PHE A 497 0.38 -16.00 -1.50
C PHE A 497 -1.07 -15.80 -1.06
N SER A 498 -1.77 -16.91 -0.84
CA SER A 498 -3.18 -16.87 -0.49
C SER A 498 -3.43 -16.16 0.84
N LEU A 499 -2.74 -16.60 1.87
CA LEU A 499 -2.95 -16.07 3.21
C LEU A 499 -2.58 -14.60 3.30
N LYS A 500 -1.59 -14.20 2.52
CA LYS A 500 -1.15 -12.81 2.53
C LYS A 500 -2.20 -11.91 1.89
N GLY A 501 -2.82 -12.40 0.83
CA GLY A 501 -3.90 -11.68 0.18
C GLY A 501 -5.13 -11.61 1.07
N LEU A 502 -5.33 -12.65 1.88
CA LEU A 502 -6.49 -12.74 2.74
C LEU A 502 -6.37 -11.89 4.01
N MET A 503 -5.27 -12.05 4.74
CA MET A 503 -5.09 -11.34 6.00
C MET A 503 -4.48 -9.96 5.79
N GLY A 504 -3.93 -9.71 4.62
CA GLY A 504 -3.37 -8.41 4.30
C GLY A 504 -4.43 -7.40 3.90
N ASN A 505 -5.67 -7.85 3.81
CA ASN A 505 -6.79 -6.96 3.51
C ASN A 505 -6.93 -5.91 4.61
N VAL A 506 -7.22 -4.68 4.21
CA VAL A 506 -7.33 -3.55 5.13
C VAL A 506 -8.34 -3.80 6.27
N ILE A 507 -9.39 -4.57 6.00
CA ILE A 507 -10.42 -4.78 7.02
C ILE A 507 -9.91 -5.66 8.17
N CYS A 508 -8.79 -6.35 7.94
CA CYS A 508 -8.17 -7.18 8.97
C CYS A 508 -7.25 -6.36 9.87
N SER A 509 -7.00 -5.11 9.49
CA SER A 509 -6.17 -4.24 10.32
C SER A 509 -6.96 -3.81 11.55
N PRO A 510 -6.28 -3.50 12.66
CA PRO A 510 -6.98 -3.18 13.90
C PRO A 510 -7.85 -1.92 13.83
N ALA A 511 -7.48 -0.93 13.01
CA ALA A 511 -8.28 0.27 12.87
C ALA A 511 -9.65 -0.04 12.25
N TYR A 512 -9.71 -1.10 11.45
CA TYR A 512 -10.93 -1.46 10.73
C TYR A 512 -11.75 -2.55 11.41
N TRP A 513 -11.08 -3.48 12.09
CA TRP A 513 -11.76 -4.68 12.56
C TRP A 513 -12.51 -4.37 13.86
N LYS A 514 -13.58 -3.62 13.70
CA LYS A 514 -14.44 -3.17 14.78
C LYS A 514 -15.87 -3.37 14.30
N PRO A 515 -16.83 -3.51 15.23
CA PRO A 515 -18.21 -3.61 14.74
C PRO A 515 -18.71 -2.34 14.06
N SER A 516 -18.25 -1.18 14.51
CA SER A 516 -18.72 0.09 13.95
C SER A 516 -18.37 0.23 12.47
N THR A 517 -17.34 -0.49 12.03
CA THR A 517 -16.93 -0.48 10.63
C THR A 517 -18.02 -1.09 9.76
N PHE A 518 -18.73 -2.07 10.32
CA PHE A 518 -19.70 -2.84 9.56
C PHE A 518 -21.14 -2.58 10.02
N GLY A 519 -21.37 -1.42 10.64
CA GLY A 519 -22.72 -0.97 10.95
C GLY A 519 -23.24 -1.36 12.33
N GLY A 520 -22.40 -2.00 13.13
CA GLY A 520 -22.80 -2.49 14.43
C GLY A 520 -22.55 -3.97 14.58
N GLU A 521 -23.04 -4.54 15.67
CA GLU A 521 -22.80 -5.95 15.98
C GLU A 521 -23.52 -6.88 15.02
N VAL A 522 -24.67 -6.44 14.50
CA VAL A 522 -25.46 -7.28 13.61
C VAL A 522 -24.71 -7.47 12.30
N GLY A 523 -24.22 -6.38 11.73
CA GLY A 523 -23.46 -6.44 10.49
C GLY A 523 -22.15 -7.20 10.70
N PHE A 524 -21.57 -7.02 11.88
CA PHE A 524 -20.31 -7.65 12.21
C PHE A 524 -20.49 -9.16 12.34
N GLN A 525 -21.65 -9.57 12.82
CA GLN A 525 -21.94 -10.99 13.04
C GLN A 525 -22.17 -11.72 11.72
N ILE A 526 -22.60 -10.98 10.70
CA ILE A 526 -22.78 -11.55 9.37
C ILE A 526 -21.44 -12.07 8.86
N ILE A 527 -20.38 -11.32 9.12
CA ILE A 527 -19.04 -11.74 8.72
C ILE A 527 -18.63 -13.00 9.48
N ASN A 528 -18.78 -12.97 10.80
CA ASN A 528 -18.20 -13.99 11.65
C ASN A 528 -19.03 -15.28 11.74
N THR A 529 -20.20 -15.29 11.12
CA THR A 529 -21.01 -16.52 11.01
C THR A 529 -21.20 -16.97 9.56
N ALA A 530 -20.45 -16.36 8.63
CA ALA A 530 -20.60 -16.69 7.22
C ALA A 530 -19.97 -18.03 6.86
N SER A 531 -20.63 -18.74 5.97
CA SER A 531 -20.13 -20.01 5.45
C SER A 531 -20.65 -20.19 4.02
N ILE A 532 -20.04 -21.10 3.26
CA ILE A 532 -20.52 -21.39 1.91
C ILE A 532 -21.96 -21.89 1.97
N GLN A 533 -22.29 -22.66 2.99
CA GLN A 533 -23.64 -23.19 3.15
C GLN A 533 -24.63 -22.08 3.45
N SER A 534 -24.24 -21.16 4.31
CA SER A 534 -25.12 -20.05 4.67
C SER A 534 -25.27 -19.05 3.52
N LEU A 535 -24.25 -18.91 2.69
CA LEU A 535 -24.35 -18.07 1.50
C LEU A 535 -25.45 -18.60 0.60
N ILE A 536 -25.41 -19.90 0.35
CA ILE A 536 -26.42 -20.57 -0.44
C ILE A 536 -27.79 -20.54 0.23
N CYS A 537 -27.81 -20.79 1.55
CA CYS A 537 -29.05 -20.90 2.28
C CYS A 537 -29.87 -19.61 2.29
N ASN A 538 -29.19 -18.47 2.41
CA ASN A 538 -29.88 -17.19 2.51
C ASN A 538 -30.29 -16.61 1.15
N ASN A 539 -29.69 -17.11 0.08
CA ASN A 539 -29.83 -16.48 -1.23
C ASN A 539 -30.30 -17.41 -2.34
N VAL A 540 -30.41 -18.69 -2.04
CA VAL A 540 -30.89 -19.68 -3.02
C VAL A 540 -32.20 -20.27 -2.54
N LYS A 541 -33.20 -20.24 -3.40
CA LYS A 541 -34.53 -20.75 -3.09
C LYS A 541 -34.48 -22.20 -2.65
N GLY A 542 -35.14 -22.49 -1.53
CA GLY A 542 -35.22 -23.84 -1.01
C GLY A 542 -34.12 -24.18 -0.02
N CYS A 543 -33.09 -23.32 0.02
CA CYS A 543 -31.95 -23.54 0.90
C CYS A 543 -31.36 -24.93 0.71
N PRO A 544 -30.92 -25.24 -0.51
CA PRO A 544 -30.35 -26.57 -0.74
C PRO A 544 -29.08 -26.78 0.04
N PHE A 545 -28.78 -28.03 0.40
CA PHE A 545 -27.50 -28.37 0.98
C PHE A 545 -26.43 -28.12 -0.06
N THR A 546 -25.29 -27.59 0.38
CA THR A 546 -24.13 -27.49 -0.49
C THR A 546 -22.86 -27.70 0.31
N SER A 547 -21.76 -27.83 -0.41
CA SER A 547 -20.47 -28.15 0.18
C SER A 547 -19.45 -28.20 -0.95
N PHE A 548 -18.18 -28.03 -0.62
CA PHE A 548 -17.12 -28.06 -1.63
C PHE A 548 -16.66 -29.47 -1.93
N SER A 549 -17.26 -30.45 -1.25
CA SER A 549 -17.00 -31.86 -1.55
C SER A 549 -18.29 -32.58 -1.92
N VAL A 550 -18.16 -33.61 -2.75
CA VAL A 550 -19.31 -34.41 -3.15
C VAL A 550 -19.86 -35.18 -1.94
N PRO A 551 -21.19 -35.27 -1.81
CA PRO A 551 -21.81 -36.01 -0.70
C PRO A 551 -21.28 -37.43 -0.51
N ASN B 1 -28.25 14.65 13.20
CA ASN B 1 -27.22 13.63 13.37
C ASN B 1 -26.64 13.69 14.79
N PRO B 2 -26.86 12.64 15.59
CA PRO B 2 -26.44 12.73 16.99
C PRO B 2 -24.94 12.69 17.18
N CYS B 3 -24.20 12.43 16.11
CA CYS B 3 -22.74 12.41 16.15
C CYS B 3 -22.12 13.79 15.91
N CYS B 4 -22.95 14.78 15.58
CA CYS B 4 -22.48 16.12 15.29
C CYS B 4 -21.67 16.73 16.43
N SER B 5 -21.97 16.31 17.66
CA SER B 5 -21.31 16.87 18.84
C SER B 5 -20.00 16.17 19.14
N HIS B 6 -19.66 15.15 18.35
CA HIS B 6 -18.47 14.34 18.58
C HIS B 6 -18.45 13.80 20.01
N PRO B 7 -19.48 13.00 20.36
CA PRO B 7 -19.65 12.49 21.73
C PRO B 7 -18.52 11.56 22.17
N CYS B 8 -18.07 10.71 21.25
CA CYS B 8 -17.14 9.64 21.59
C CYS B 8 -15.74 10.14 21.87
N GLN B 9 -15.23 9.84 23.06
CA GLN B 9 -13.90 10.26 23.48
C GLN B 9 -12.85 9.20 23.19
N ASN B 10 -11.58 9.61 23.24
CA ASN B 10 -10.44 8.70 23.20
C ASN B 10 -10.46 7.72 22.02
N ARG B 11 -10.76 8.24 20.83
CA ARG B 11 -10.71 7.48 19.58
C ARG B 11 -11.92 6.57 19.36
N GLY B 12 -12.89 6.62 20.25
CA GLY B 12 -14.11 5.86 20.07
C GLY B 12 -14.79 6.25 18.77
N VAL B 13 -15.37 5.27 18.08
CA VAL B 13 -15.99 5.52 16.77
C VAL B 13 -17.49 5.75 16.94
N CYS B 14 -17.96 6.89 16.44
CA CYS B 14 -19.36 7.26 16.59
C CYS B 14 -20.19 6.76 15.42
N MET B 15 -21.37 6.27 15.73
CA MET B 15 -22.27 5.67 14.76
C MET B 15 -23.68 6.00 15.17
N SER B 16 -24.50 6.42 14.22
CA SER B 16 -25.89 6.73 14.52
C SER B 16 -26.68 5.43 14.69
N VAL B 17 -27.63 5.43 15.60
CA VAL B 17 -28.52 4.29 15.80
C VAL B 17 -29.95 4.80 15.79
N GLY B 18 -30.63 4.65 14.66
CA GLY B 18 -31.91 5.30 14.49
C GLY B 18 -31.67 6.76 14.21
N PHE B 19 -32.74 7.56 14.29
CA PHE B 19 -32.64 8.97 13.94
C PHE B 19 -32.13 9.85 15.08
N ASP B 20 -32.33 9.43 16.33
CA ASP B 20 -32.02 10.27 17.48
C ASP B 20 -31.07 9.64 18.50
N GLN B 21 -30.28 8.64 18.09
CA GLN B 21 -29.33 8.01 19.00
C GLN B 21 -28.02 7.68 18.33
N TYR B 22 -27.00 7.48 19.16
CA TYR B 22 -25.68 7.09 18.68
C TYR B 22 -25.12 5.96 19.54
N LYS B 23 -24.14 5.25 19.00
CA LYS B 23 -23.40 4.24 19.74
C LYS B 23 -21.92 4.53 19.58
N CYS B 24 -21.19 4.52 20.70
CA CYS B 24 -19.74 4.69 20.65
C CYS B 24 -19.06 3.34 20.71
N ASP B 25 -18.22 3.10 19.71
CA ASP B 25 -17.43 1.88 19.64
C ASP B 25 -16.10 2.11 20.33
N CYS B 26 -15.94 1.50 21.50
CA CYS B 26 -14.78 1.76 22.36
C CYS B 26 -13.66 0.74 22.14
N THR B 27 -13.82 -0.13 21.15
CA THR B 27 -12.87 -1.20 20.88
C THR B 27 -11.42 -0.73 20.86
N ARG B 28 -10.61 -1.34 21.73
CA ARG B 28 -9.18 -1.07 21.83
C ARG B 28 -8.82 0.41 22.04
N THR B 29 -9.76 1.18 22.58
CA THR B 29 -9.46 2.56 22.97
C THR B 29 -8.76 2.64 24.32
N GLY B 30 -8.89 1.58 25.11
CA GLY B 30 -8.40 1.57 26.47
C GLY B 30 -9.42 2.18 27.43
N PHE B 31 -10.61 2.43 26.92
CA PHE B 31 -11.70 3.00 27.71
C PHE B 31 -12.99 2.23 27.48
N TYR B 32 -13.99 2.51 28.31
CA TYR B 32 -15.32 1.97 28.11
C TYR B 32 -16.35 2.99 28.60
N GLY B 33 -17.62 2.67 28.44
CA GLY B 33 -18.69 3.58 28.80
C GLY B 33 -19.39 4.12 27.57
N GLU B 34 -20.49 4.83 27.77
CA GLU B 34 -21.30 5.35 26.68
C GLU B 34 -20.50 6.21 25.70
N ASN B 35 -19.49 6.90 26.22
CA ASN B 35 -18.69 7.83 25.42
C ASN B 35 -17.21 7.47 25.44
N CYS B 36 -16.91 6.24 25.87
CA CYS B 36 -15.53 5.77 25.95
C CYS B 36 -14.68 6.68 26.83
N SER B 37 -15.27 7.22 27.90
CA SER B 37 -14.57 8.18 28.74
C SER B 37 -14.08 7.58 30.06
N THR B 38 -14.48 6.34 30.36
CA THR B 38 -14.02 5.67 31.57
C THR B 38 -12.76 4.86 31.29
N PRO B 39 -11.64 5.20 31.94
CA PRO B 39 -10.41 4.44 31.66
C PRO B 39 -10.42 3.05 32.27
N GLU B 40 -9.79 2.11 31.57
CA GLU B 40 -9.54 0.80 32.14
C GLU B 40 -8.35 0.95 33.09
N PHE B 41 -7.97 -0.12 33.76
CA PHE B 41 -6.98 -0.02 34.84
C PHE B 41 -5.59 0.30 34.33
N LEU B 42 -5.19 -0.34 33.26
CA LEU B 42 -3.88 -0.14 32.67
C LEU B 42 -3.79 1.24 32.07
N THR B 43 -4.90 1.70 31.57
CA THR B 43 -5.00 3.05 31.02
C THR B 43 -4.79 4.07 32.14
N ARG B 44 -5.40 3.80 33.29
CA ARG B 44 -5.28 4.67 34.46
C ARG B 44 -3.83 4.81 34.89
N ILE B 45 -3.09 3.71 34.85
CA ILE B 45 -1.68 3.70 35.24
C ILE B 45 -0.82 4.42 34.23
N LYS B 46 -1.08 4.18 32.95
CA LYS B 46 -0.33 4.82 31.89
C LYS B 46 -0.51 6.32 31.92
N LEU B 47 -1.76 6.76 32.08
CA LEU B 47 -2.06 8.18 32.13
C LEU B 47 -1.37 8.85 33.30
N PHE B 48 -1.39 8.18 34.45
CA PHE B 48 -0.81 8.72 35.67
C PHE B 48 0.70 8.86 35.56
N LEU B 49 1.34 7.91 34.87
CA LEU B 49 2.80 7.91 34.74
C LEU B 49 3.31 8.74 33.57
N LYS B 50 2.49 8.95 32.56
CA LYS B 50 2.95 9.61 31.34
C LYS B 50 3.16 11.11 31.55
N PRO B 51 4.39 11.61 31.35
CA PRO B 51 4.66 13.05 31.43
C PRO B 51 4.02 13.82 30.28
N THR B 52 3.73 15.09 30.49
CA THR B 52 3.13 15.91 29.45
C THR B 52 4.14 16.20 28.33
N PRO B 53 3.65 16.46 27.12
CA PRO B 53 4.53 16.83 26.00
C PRO B 53 5.45 18.00 26.33
N ASN B 54 4.95 19.00 27.03
CA ASN B 54 5.74 20.18 27.36
C ASN B 54 6.84 19.85 28.38
N THR B 55 6.60 18.84 29.21
CA THR B 55 7.60 18.34 30.13
C THR B 55 8.68 17.61 29.36
N VAL B 56 8.27 16.69 28.50
CA VAL B 56 9.19 15.95 27.64
C VAL B 56 10.04 16.92 26.82
N HIS B 57 9.39 17.96 26.30
CA HIS B 57 10.08 18.92 25.45
C HIS B 57 11.12 19.71 26.23
N TYR B 58 10.78 20.07 27.46
CA TYR B 58 11.72 20.74 28.34
C TYR B 58 12.96 19.90 28.54
N ILE B 59 12.75 18.63 28.83
CA ILE B 59 13.82 17.69 29.15
C ILE B 59 14.73 17.47 27.95
N LEU B 60 14.14 17.36 26.76
CA LEU B 60 14.89 17.14 25.54
C LEU B 60 15.69 18.38 25.11
N THR B 61 15.25 19.55 25.59
CA THR B 61 15.88 20.81 25.19
C THR B 61 16.73 21.41 26.31
N HIS B 62 16.97 20.63 27.35
CA HIS B 62 17.90 21.01 28.42
C HIS B 62 18.84 19.85 28.73
N PHE B 63 19.75 20.06 29.67
CA PHE B 63 20.66 19.02 30.13
C PHE B 63 21.52 18.50 28.99
N LYS B 64 22.20 19.42 28.30
CA LYS B 64 23.01 19.08 27.14
C LYS B 64 24.14 18.12 27.48
N GLY B 65 24.77 18.33 28.63
CA GLY B 65 25.85 17.47 29.06
C GLY B 65 25.38 16.03 29.22
N PHE B 66 24.18 15.88 29.77
CA PHE B 66 23.56 14.57 29.92
C PHE B 66 23.29 13.93 28.57
N TRP B 67 22.81 14.72 27.62
CA TRP B 67 22.47 14.19 26.30
C TRP B 67 23.69 13.87 25.48
N ASN B 68 24.78 14.62 25.68
CA ASN B 68 26.05 14.32 25.03
C ASN B 68 26.55 12.93 25.40
N VAL B 69 26.30 12.54 26.64
CA VAL B 69 26.68 11.20 27.09
C VAL B 69 25.74 10.18 26.46
N VAL B 70 24.44 10.41 26.61
CA VAL B 70 23.42 9.55 26.01
C VAL B 70 23.65 9.35 24.52
N ASN B 71 24.02 10.43 23.84
CA ASN B 71 24.24 10.38 22.40
C ASN B 71 25.34 9.41 22.00
N ASN B 72 26.30 9.20 22.91
CA ASN B 72 27.47 8.37 22.61
C ASN B 72 27.38 6.97 23.23
N ILE B 73 26.19 6.60 23.68
CA ILE B 73 25.91 5.25 24.15
C ILE B 73 24.90 4.63 23.18
N PRO B 74 25.40 3.96 22.11
CA PRO B 74 24.53 3.51 21.02
C PRO B 74 23.33 2.67 21.47
N PHE B 75 23.56 1.70 22.34
CA PHE B 75 22.47 0.88 22.86
C PHE B 75 21.32 1.74 23.34
N LEU B 76 21.67 2.83 24.00
CA LEU B 76 20.71 3.71 24.63
C LEU B 76 20.05 4.63 23.62
N ARG B 77 20.87 5.31 22.84
CA ARG B 77 20.41 6.22 21.81
C ARG B 77 19.49 5.52 20.80
N ASN B 78 19.82 4.27 20.49
CA ASN B 78 18.99 3.48 19.60
C ASN B 78 17.64 3.15 20.21
N ALA B 79 17.64 2.85 21.51
CA ALA B 79 16.41 2.52 22.22
C ALA B 79 15.48 3.72 22.25
N ILE B 80 16.03 4.89 22.51
CA ILE B 80 15.26 6.12 22.59
C ILE B 80 14.69 6.46 21.22
N MET B 81 15.53 6.45 20.20
CA MET B 81 15.09 6.76 18.85
C MET B 81 14.01 5.78 18.42
N SER B 82 14.22 4.50 18.71
CA SER B 82 13.24 3.47 18.41
C SER B 82 11.90 3.78 19.07
N TYR B 83 11.95 4.23 20.32
CA TYR B 83 10.75 4.58 21.05
C TYR B 83 10.06 5.80 20.43
N VAL B 84 10.85 6.78 20.02
CA VAL B 84 10.31 7.97 19.38
C VAL B 84 9.55 7.60 18.11
N LEU B 85 10.08 6.64 17.36
CA LEU B 85 9.47 6.25 16.10
C LEU B 85 8.16 5.50 16.29
N THR B 86 8.13 4.57 17.23
CA THR B 86 6.96 3.73 17.42
C THR B 86 5.83 4.45 18.13
N SER B 87 6.14 5.22 19.17
CA SER B 87 5.12 5.90 19.96
C SER B 87 4.40 6.96 19.13
N ARG B 88 5.13 7.69 18.30
CA ARG B 88 4.53 8.71 17.45
C ARG B 88 3.73 8.06 16.32
N SER B 89 4.26 6.99 15.75
CA SER B 89 3.62 6.31 14.64
C SER B 89 2.28 5.69 15.02
N HIS B 90 2.11 5.34 16.29
CA HIS B 90 0.85 4.76 16.76
C HIS B 90 -0.32 5.72 16.59
N LEU B 91 -0.02 7.01 16.50
CA LEU B 91 -1.05 8.03 16.40
C LEU B 91 -1.62 8.15 14.99
N ILE B 92 -1.08 7.36 14.06
CA ILE B 92 -1.53 7.38 12.67
C ILE B 92 -2.13 6.04 12.32
N ASP B 93 -3.35 6.06 11.78
CA ASP B 93 -3.96 4.83 11.30
C ASP B 93 -3.34 4.46 9.96
N SER B 94 -2.80 3.26 9.92
CA SER B 94 -2.12 2.76 8.73
C SER B 94 -2.39 1.26 8.60
N PRO B 95 -3.08 0.83 7.55
CA PRO B 95 -3.61 1.60 6.42
C PRO B 95 -4.62 2.69 6.82
N PRO B 96 -4.80 3.70 5.96
CA PRO B 96 -5.58 4.91 6.23
C PRO B 96 -7.07 4.67 6.27
N THR B 97 -7.82 5.63 6.81
CA THR B 97 -9.25 5.45 7.00
C THR B 97 -10.09 6.50 6.26
N TYR B 98 -10.38 7.63 6.89
CA TYR B 98 -11.32 8.60 6.33
C TYR B 98 -10.70 9.49 5.26
N ASN B 99 -11.57 10.07 4.42
CA ASN B 99 -11.18 11.19 3.55
C ASN B 99 -12.30 12.24 3.57
N ALA B 100 -12.17 13.28 2.76
CA ALA B 100 -13.11 14.40 2.78
C ALA B 100 -14.57 13.98 2.59
N ASP B 101 -14.80 12.91 1.86
CA ASP B 101 -16.16 12.51 1.49
C ASP B 101 -16.72 11.38 2.34
N TYR B 102 -15.95 10.89 3.30
CA TYR B 102 -16.41 9.75 4.11
C TYR B 102 -16.06 9.90 5.58
N GLY B 103 -17.10 10.16 6.39
CA GLY B 103 -16.96 10.23 7.84
C GLY B 103 -17.10 8.86 8.47
N TYR B 104 -17.30 7.85 7.64
CA TYR B 104 -17.32 6.46 8.07
C TYR B 104 -16.34 5.69 7.20
N LYS B 105 -15.86 4.57 7.71
CA LYS B 105 -14.89 3.75 6.98
C LYS B 105 -15.56 3.05 5.81
N SER B 106 -14.94 3.17 4.64
CA SER B 106 -15.50 2.64 3.41
C SER B 106 -14.39 2.24 2.45
N TRP B 107 -14.71 1.38 1.49
CA TRP B 107 -13.69 0.91 0.57
C TRP B 107 -13.23 2.00 -0.38
N GLU B 108 -14.14 2.93 -0.68
CA GLU B 108 -13.80 4.07 -1.53
C GLU B 108 -12.75 4.96 -0.86
N ALA B 109 -12.91 5.20 0.42
CA ALA B 109 -11.98 6.04 1.17
C ALA B 109 -10.61 5.37 1.30
N PHE B 110 -10.61 4.06 1.51
CA PHE B 110 -9.36 3.32 1.59
C PHE B 110 -8.64 3.21 0.24
N SER B 111 -9.39 2.89 -0.81
CA SER B 111 -8.78 2.47 -2.07
C SER B 111 -8.45 3.60 -3.05
N ASN B 112 -9.15 4.72 -2.97
CA ASN B 112 -8.97 5.81 -3.92
C ASN B 112 -7.78 6.68 -3.54
N LEU B 113 -6.68 6.54 -4.27
CA LEU B 113 -5.43 7.20 -3.95
C LEU B 113 -5.41 8.68 -4.33
N SER B 114 -6.43 9.14 -5.03
CA SER B 114 -6.49 10.53 -5.46
C SER B 114 -6.86 11.45 -4.32
N TYR B 115 -7.33 10.88 -3.22
CA TYR B 115 -7.69 11.66 -2.03
C TYR B 115 -6.53 11.83 -1.05
N TYR B 116 -6.47 12.98 -0.39
CA TYR B 116 -5.79 13.07 0.88
C TYR B 116 -6.61 12.28 1.90
N THR B 117 -5.95 11.49 2.73
CA THR B 117 -6.67 10.81 3.80
C THR B 117 -6.88 11.80 4.95
N ARG B 118 -7.55 11.34 6.00
CA ARG B 118 -7.97 12.23 7.08
C ARG B 118 -7.82 11.61 8.46
N ALA B 119 -7.15 12.35 9.34
CA ALA B 119 -6.92 11.91 10.71
C ALA B 119 -8.21 11.92 11.49
N LEU B 120 -8.98 13.00 11.34
CA LEU B 120 -10.35 13.07 11.85
C LEU B 120 -11.32 13.11 10.69
N PRO B 121 -12.46 12.41 10.81
CA PRO B 121 -13.45 12.42 9.74
C PRO B 121 -14.09 13.79 9.57
N PRO B 122 -14.62 14.09 8.38
CA PRO B 122 -15.27 15.37 8.16
C PRO B 122 -16.51 15.54 9.03
N VAL B 123 -16.85 16.78 9.35
CA VAL B 123 -18.09 17.07 10.05
C VAL B 123 -19.24 16.74 9.11
N PRO B 124 -20.28 16.03 9.59
CA PRO B 124 -21.43 15.77 8.73
C PRO B 124 -22.06 17.07 8.21
N ASP B 125 -22.59 17.06 7.01
CA ASP B 125 -22.96 18.32 6.34
C ASP B 125 -24.30 18.85 6.83
N ASP B 126 -24.99 18.09 7.68
CA ASP B 126 -26.28 18.50 8.23
C ASP B 126 -26.21 18.67 9.75
N CYS B 127 -25.25 19.46 10.21
CA CYS B 127 -25.08 19.72 11.64
C CYS B 127 -25.53 21.14 11.98
N PRO B 128 -25.91 21.37 13.25
CA PRO B 128 -26.39 22.70 13.64
C PRO B 128 -25.35 23.82 13.48
N THR B 129 -24.07 23.49 13.52
CA THR B 129 -23.02 24.47 13.21
C THR B 129 -21.99 23.83 12.31
N PRO B 130 -21.21 24.65 11.57
CA PRO B 130 -20.25 24.08 10.60
C PRO B 130 -19.15 23.22 11.22
N LEU B 131 -18.96 23.29 12.53
CA LEU B 131 -17.97 22.46 13.22
C LEU B 131 -18.63 21.37 14.03
N GLY B 132 -19.95 21.26 13.94
CA GLY B 132 -20.70 20.26 14.65
C GLY B 132 -21.84 20.88 15.45
N VAL B 133 -21.56 21.27 16.68
CA VAL B 133 -22.57 21.89 17.53
C VAL B 133 -22.05 23.14 18.24
N LYS B 134 -20.74 23.26 18.40
CA LYS B 134 -20.15 24.43 19.04
C LYS B 134 -20.00 25.59 18.06
N GLY B 135 -19.93 26.80 18.60
CA GLY B 135 -19.70 27.98 17.79
C GLY B 135 -20.95 28.59 17.19
N LYS B 136 -20.77 29.65 16.42
CA LYS B 136 -21.88 30.33 15.75
C LYS B 136 -22.34 29.56 14.52
N LYS B 137 -23.45 30.01 13.93
CA LYS B 137 -24.03 29.33 12.78
C LYS B 137 -23.17 29.52 11.54
N GLN B 138 -22.45 30.62 11.49
CA GLN B 138 -21.57 30.95 10.40
C GLN B 138 -20.21 31.12 10.99
N LEU B 139 -19.18 30.77 10.24
CA LEU B 139 -17.81 30.96 10.69
C LEU B 139 -17.34 32.37 10.34
N PRO B 140 -16.37 32.88 11.10
CA PRO B 140 -15.85 34.24 10.85
C PRO B 140 -15.39 34.45 9.43
N ASP B 141 -15.42 35.69 8.97
CA ASP B 141 -14.86 36.03 7.67
C ASP B 141 -13.39 35.64 7.66
N SER B 142 -12.97 34.85 6.67
CA SER B 142 -11.60 34.36 6.64
C SER B 142 -10.61 35.49 6.44
N ASN B 143 -11.00 36.53 5.71
CA ASN B 143 -10.14 37.69 5.50
C ASN B 143 -9.91 38.45 6.80
N GLU B 144 -10.95 38.55 7.63
CA GLU B 144 -10.83 39.16 8.94
C GLU B 144 -9.81 38.44 9.81
N ILE B 145 -9.91 37.12 9.88
CA ILE B 145 -8.99 36.30 10.66
C ILE B 145 -7.56 36.57 10.20
N VAL B 146 -7.34 36.50 8.90
CA VAL B 146 -6.01 36.72 8.34
C VAL B 146 -5.48 38.09 8.74
N GLU B 147 -6.30 39.13 8.56
CA GLU B 147 -5.87 40.50 8.85
C GLU B 147 -5.68 40.77 10.34
N LYS B 148 -6.61 40.29 11.16
CA LYS B 148 -6.60 40.57 12.59
C LYS B 148 -5.58 39.73 13.36
N LEU B 149 -5.31 38.51 12.90
CA LEU B 149 -4.57 37.54 13.70
C LEU B 149 -3.32 36.97 13.04
N LEU B 150 -3.24 37.01 11.70
CA LEU B 150 -2.18 36.30 10.98
C LEU B 150 -1.25 37.21 10.17
N LEU B 151 -1.75 38.35 9.73
CA LEU B 151 -0.99 39.24 8.85
C LEU B 151 0.21 39.86 9.57
N ARG B 152 1.33 39.97 8.85
CA ARG B 152 2.57 40.48 9.44
C ARG B 152 2.63 42.01 9.44
N ARG B 153 3.10 42.56 10.55
CA ARG B 153 3.29 44.00 10.70
C ARG B 153 4.78 44.31 10.70
N LYS B 154 5.49 43.75 11.67
CA LYS B 154 6.95 43.71 11.61
C LYS B 154 7.40 42.26 11.60
N PHE B 155 8.46 41.99 10.85
CA PHE B 155 9.05 40.68 10.77
C PHE B 155 9.39 40.16 12.16
N ILE B 156 9.03 38.91 12.43
CA ILE B 156 9.41 38.29 13.70
C ILE B 156 10.34 37.12 13.39
N PRO B 157 11.64 37.25 13.74
CA PRO B 157 12.59 36.19 13.39
C PRO B 157 12.37 34.92 14.19
N ASP B 158 12.73 33.78 13.60
CA ASP B 158 12.66 32.51 14.30
C ASP B 158 13.73 32.46 15.40
N PRO B 159 13.31 32.32 16.68
CA PRO B 159 14.27 32.23 17.78
C PRO B 159 15.20 31.03 17.70
N GLN B 160 14.81 29.99 16.96
CA GLN B 160 15.64 28.80 16.79
C GLN B 160 16.68 29.03 15.70
N GLY B 161 16.56 30.14 14.99
CA GLY B 161 17.58 30.55 14.05
C GLY B 161 17.49 29.93 12.68
N SER B 162 16.32 29.39 12.32
CA SER B 162 16.13 28.80 11.00
C SER B 162 16.45 29.80 9.90
N ASN B 163 17.14 29.35 8.86
CA ASN B 163 17.52 30.22 7.76
C ASN B 163 16.70 29.93 6.50
N MET B 164 17.06 30.54 5.38
CA MET B 164 16.30 30.37 4.14
C MET B 164 16.63 29.04 3.48
N MET B 165 17.80 28.49 3.77
CA MET B 165 18.13 27.14 3.33
C MET B 165 17.13 26.16 3.93
N PHE B 166 16.71 26.43 5.16
CA PHE B 166 15.72 25.62 5.85
C PHE B 166 14.34 25.82 5.24
N ALA B 167 13.96 27.07 5.05
CA ALA B 167 12.64 27.42 4.56
C ALA B 167 12.37 26.86 3.17
N PHE B 168 13.38 26.90 2.29
CA PHE B 168 13.22 26.40 0.94
C PHE B 168 13.40 24.89 0.87
N PHE B 169 14.13 24.33 1.84
CA PHE B 169 14.21 22.88 1.93
C PHE B 169 12.85 22.33 2.33
N ALA B 170 12.23 23.00 3.29
CA ALA B 170 10.89 22.65 3.75
C ALA B 170 9.92 22.65 2.58
N GLN B 171 9.96 23.71 1.77
CA GLN B 171 9.06 23.85 0.64
C GLN B 171 9.38 22.84 -0.45
N HIS B 172 10.65 22.68 -0.76
CA HIS B 172 11.07 21.75 -1.81
C HIS B 172 10.69 20.32 -1.45
N PHE B 173 11.08 19.89 -0.25
CA PHE B 173 10.87 18.53 0.21
C PHE B 173 9.39 18.15 0.30
N THR B 174 8.56 18.98 0.92
CA THR B 174 7.16 18.63 1.15
C THR B 174 6.30 18.69 -0.11
N HIS B 175 6.71 19.47 -1.10
CA HIS B 175 5.90 19.65 -2.29
C HIS B 175 6.05 18.47 -3.25
N GLN B 176 6.74 17.42 -2.81
CA GLN B 176 6.72 16.16 -3.55
C GLN B 176 5.51 15.32 -3.12
N PHE B 177 4.97 15.56 -1.93
CA PHE B 177 3.76 14.86 -1.48
C PHE B 177 2.62 15.81 -1.10
N PHE B 178 2.87 17.11 -1.08
CA PHE B 178 1.78 18.10 -1.04
C PHE B 178 1.60 18.67 -2.43
N LYS B 179 0.64 18.09 -3.16
CA LYS B 179 0.43 18.38 -4.57
C LYS B 179 -1.04 18.33 -4.91
N THR B 180 -1.81 19.25 -4.34
CA THR B 180 -3.27 19.10 -4.41
C THR B 180 -3.77 19.47 -5.79
N ASP B 181 -4.74 18.70 -6.24
CA ASP B 181 -5.28 18.78 -7.57
C ASP B 181 -6.46 19.74 -7.58
N HIS B 182 -6.20 21.02 -7.82
CA HIS B 182 -7.22 22.04 -7.71
C HIS B 182 -8.26 21.93 -8.83
N LYS B 183 -7.88 21.26 -9.92
CA LYS B 183 -8.84 20.88 -10.94
C LYS B 183 -10.02 20.13 -10.32
N ARG B 184 -9.72 19.29 -9.34
CA ARG B 184 -10.74 18.49 -8.66
C ARG B 184 -11.24 19.17 -7.39
N GLY B 185 -10.33 19.80 -6.67
CA GLY B 185 -10.64 20.41 -5.39
C GLY B 185 -9.55 20.11 -4.37
N PRO B 186 -9.59 20.81 -3.24
CA PRO B 186 -8.58 20.72 -2.18
C PRO B 186 -8.44 19.33 -1.54
N ALA B 187 -9.45 18.48 -1.70
CA ALA B 187 -9.44 17.15 -1.08
C ALA B 187 -8.60 16.15 -1.87
N PHE B 188 -8.15 16.55 -3.05
CA PHE B 188 -7.48 15.63 -3.97
C PHE B 188 -6.02 15.99 -4.18
N THR B 189 -5.21 14.97 -4.44
CA THR B 189 -3.76 15.13 -4.63
C THR B 189 -3.32 14.52 -5.95
N ASN B 190 -2.22 15.05 -6.49
CA ASN B 190 -1.57 14.48 -7.67
C ASN B 190 -0.36 13.63 -7.28
N GLY B 191 -0.08 13.55 -5.99
CA GLY B 191 1.04 12.77 -5.49
C GLY B 191 0.59 11.40 -5.04
N LEU B 192 0.47 10.48 -5.99
CA LEU B 192 -0.14 9.18 -5.75
C LEU B 192 0.84 8.19 -5.11
N GLY B 193 2.09 8.61 -4.97
CA GLY B 193 3.07 7.82 -4.24
C GLY B 193 2.94 8.04 -2.74
N HIS B 194 2.24 9.11 -2.36
CA HIS B 194 1.92 9.41 -0.98
C HIS B 194 3.10 9.30 -0.04
N GLY B 195 4.17 10.02 -0.38
CA GLY B 195 5.35 10.06 0.47
C GLY B 195 6.59 10.49 -0.29
N VAL B 196 7.72 9.96 0.14
CA VAL B 196 9.01 10.39 -0.37
C VAL B 196 9.47 9.48 -1.53
N ASP B 197 8.98 9.76 -2.73
CA ASP B 197 9.37 9.01 -3.92
C ASP B 197 10.23 9.85 -4.87
N LEU B 198 10.49 11.10 -4.49
CA LEU B 198 11.28 12.04 -5.28
C LEU B 198 10.68 12.26 -6.67
N ASN B 199 9.35 12.31 -6.76
CA ASN B 199 8.68 12.64 -8.01
C ASN B 199 8.92 14.10 -8.37
N HIS B 200 9.25 14.93 -7.38
CA HIS B 200 9.54 16.33 -7.64
C HIS B 200 10.90 16.51 -8.31
N ILE B 201 11.61 15.41 -8.52
CA ILE B 201 12.84 15.39 -9.32
C ILE B 201 12.60 14.63 -10.62
N TYR B 202 12.06 13.42 -10.49
CA TYR B 202 11.98 12.48 -11.60
C TYR B 202 10.65 12.52 -12.34
N GLY B 203 9.68 13.24 -11.80
CA GLY B 203 8.35 13.28 -12.38
C GLY B 203 7.43 12.22 -11.78
N GLU B 204 6.16 12.56 -11.68
CA GLU B 204 5.14 11.66 -11.15
C GLU B 204 4.94 10.44 -12.05
N THR B 205 4.78 10.68 -13.35
CA THR B 205 4.49 9.61 -14.29
C THR B 205 5.74 9.14 -15.04
N LEU B 206 5.67 7.93 -15.59
CA LEU B 206 6.74 7.39 -16.39
C LEU B 206 6.97 8.22 -17.65
N ALA B 207 5.89 8.77 -18.18
CA ALA B 207 5.97 9.59 -19.38
C ALA B 207 6.81 10.84 -19.13
N ARG B 208 6.66 11.41 -17.94
CA ARG B 208 7.41 12.62 -17.60
C ARG B 208 8.85 12.28 -17.24
N GLN B 209 9.03 11.16 -16.55
CA GLN B 209 10.37 10.67 -16.26
C GLN B 209 11.17 10.49 -17.54
N ARG B 210 10.49 10.03 -18.58
CA ARG B 210 11.15 9.71 -19.85
C ARG B 210 11.58 10.97 -20.59
N LYS B 211 10.82 12.05 -20.40
CA LYS B 211 11.16 13.32 -21.00
C LYS B 211 12.39 13.94 -20.35
N LEU B 212 12.56 13.68 -19.05
CA LEU B 212 13.62 14.32 -18.27
C LEU B 212 14.93 13.55 -18.29
N ARG B 213 14.88 12.27 -18.65
CA ARG B 213 16.07 11.43 -18.63
C ARG B 213 16.92 11.60 -19.88
N LEU B 214 18.19 11.23 -19.77
CA LEU B 214 19.14 11.30 -20.87
C LEU B 214 19.28 9.95 -21.55
N PHE B 215 18.94 8.89 -20.81
CA PHE B 215 19.06 7.52 -21.28
C PHE B 215 20.49 7.19 -21.71
N LYS B 216 21.44 7.89 -21.11
CA LYS B 216 22.85 7.56 -21.17
C LYS B 216 23.40 7.52 -19.75
N ASP B 217 23.96 6.37 -19.37
CA ASP B 217 24.59 6.21 -18.06
C ASP B 217 23.64 6.47 -16.89
N GLY B 218 22.34 6.32 -17.14
CA GLY B 218 21.34 6.47 -16.08
C GLY B 218 21.09 7.89 -15.65
N LYS B 219 21.56 8.86 -16.44
CA LYS B 219 21.55 10.26 -16.03
C LYS B 219 20.30 11.02 -16.45
N MET B 220 20.15 12.19 -15.86
CA MET B 220 19.07 13.11 -16.18
C MET B 220 19.61 14.19 -17.10
N LYS B 221 18.73 14.72 -17.96
CA LYS B 221 19.15 15.79 -18.86
C LYS B 221 19.63 16.99 -18.08
N TYR B 222 20.49 17.78 -18.71
CA TYR B 222 21.01 18.98 -18.08
C TYR B 222 21.58 19.93 -19.12
N GLN B 223 21.90 21.12 -18.66
CA GLN B 223 22.60 22.12 -19.45
C GLN B 223 23.89 22.45 -18.75
N ILE B 224 24.89 22.92 -19.50
CA ILE B 224 26.09 23.49 -18.91
C ILE B 224 26.06 24.99 -19.12
N ILE B 225 25.93 25.73 -18.04
CA ILE B 225 25.88 27.19 -18.10
C ILE B 225 26.93 27.76 -17.15
N ASP B 226 27.73 28.68 -17.68
CA ASP B 226 28.88 29.24 -16.97
C ASP B 226 29.63 28.17 -16.17
N GLY B 227 29.92 27.05 -16.84
CA GLY B 227 30.75 26.01 -16.28
C GLY B 227 30.05 24.96 -15.43
N GLU B 228 28.77 25.17 -15.12
CA GLU B 228 28.09 24.31 -14.15
C GLU B 228 26.81 23.66 -14.67
N MET B 229 26.41 22.57 -14.00
CA MET B 229 25.25 21.79 -14.43
C MET B 229 23.96 22.42 -13.95
N TYR B 230 23.00 22.53 -14.87
CA TYR B 230 21.68 23.08 -14.57
C TYR B 230 20.61 22.18 -15.16
N PRO B 231 19.35 22.37 -14.75
CA PRO B 231 18.31 21.53 -15.36
C PRO B 231 18.05 21.91 -16.81
N PRO B 232 17.46 21.00 -17.59
CA PRO B 232 17.13 21.25 -19.00
C PRO B 232 15.93 22.19 -19.10
N THR B 233 15.49 22.47 -20.32
CA THR B 233 14.37 23.37 -20.53
C THR B 233 13.11 22.63 -20.98
N VAL B 234 11.98 23.33 -20.93
CA VAL B 234 10.72 22.82 -21.44
C VAL B 234 10.85 22.39 -22.90
N LYS B 235 11.54 23.19 -23.70
CA LYS B 235 11.67 22.92 -25.12
C LYS B 235 12.44 21.64 -25.40
N ASP B 236 13.56 21.47 -24.72
CA ASP B 236 14.43 20.33 -24.94
C ASP B 236 13.83 19.02 -24.41
N THR B 237 13.05 19.10 -23.33
CA THR B 237 12.48 17.91 -22.71
C THR B 237 11.04 17.63 -23.14
N GLN B 238 10.29 18.69 -23.41
CA GLN B 238 8.84 18.63 -23.66
C GLN B 238 8.06 18.37 -22.38
N ALA B 239 8.74 18.38 -21.24
CA ALA B 239 8.09 18.27 -19.95
C ALA B 239 7.50 19.62 -19.56
N GLU B 240 6.18 19.68 -19.44
CA GLU B 240 5.50 20.95 -19.18
C GLU B 240 5.86 21.50 -17.81
N MET B 241 5.88 22.83 -17.72
CA MET B 241 6.11 23.54 -16.46
C MET B 241 5.13 24.70 -16.36
N ILE B 242 4.94 25.21 -15.17
CA ILE B 242 4.16 26.40 -14.98
C ILE B 242 5.05 27.60 -15.01
N TYR B 243 4.80 28.49 -15.94
CA TYR B 243 5.54 29.74 -16.07
C TYR B 243 4.61 30.82 -16.61
N PRO B 244 4.73 32.06 -16.09
CA PRO B 244 3.98 33.14 -16.74
C PRO B 244 4.57 33.46 -18.11
N PRO B 245 3.79 34.10 -18.99
CA PRO B 245 4.24 34.43 -20.35
C PRO B 245 5.55 35.21 -20.39
N GLN B 246 5.80 36.01 -19.37
CA GLN B 246 6.99 36.83 -19.29
C GLN B 246 8.29 36.08 -19.39
N VAL B 247 8.34 34.91 -18.82
CA VAL B 247 9.57 34.13 -18.77
C VAL B 247 9.97 33.70 -20.17
N PRO B 248 11.19 34.06 -20.61
CA PRO B 248 11.64 33.59 -21.92
C PRO B 248 11.89 32.09 -21.94
N GLU B 249 11.68 31.48 -23.11
CA GLU B 249 11.82 30.04 -23.30
C GLU B 249 13.08 29.46 -22.67
N HIS B 250 14.23 30.03 -23.02
CA HIS B 250 15.51 29.46 -22.63
C HIS B 250 15.73 29.49 -21.11
N LEU B 251 14.87 30.20 -20.39
CA LEU B 251 14.93 30.23 -18.93
C LEU B 251 13.83 29.39 -18.29
N ARG B 252 13.04 28.71 -19.10
CA ARG B 252 12.01 27.83 -18.57
C ARG B 252 12.58 26.46 -18.25
N PHE B 253 13.20 26.36 -17.08
CA PHE B 253 13.81 25.12 -16.62
C PHE B 253 12.75 24.06 -16.38
N ALA B 254 13.08 22.82 -16.73
CA ALA B 254 12.18 21.69 -16.59
C ALA B 254 12.70 20.72 -15.53
N VAL B 255 11.93 20.55 -14.46
CA VAL B 255 12.26 19.60 -13.40
C VAL B 255 11.04 18.75 -13.07
N GLY B 256 11.21 17.81 -12.15
CA GLY B 256 10.17 16.85 -11.81
C GLY B 256 8.85 17.50 -11.44
N GLN B 257 8.90 18.46 -10.52
CA GLN B 257 7.70 19.15 -10.06
C GLN B 257 7.37 20.32 -10.98
N GLU B 258 6.13 20.38 -11.46
CA GLU B 258 5.71 21.38 -12.44
C GLU B 258 5.79 22.82 -11.91
N VAL B 259 5.69 23.00 -10.60
CA VAL B 259 5.59 24.34 -10.02
C VAL B 259 6.88 24.86 -9.41
N PHE B 260 7.99 24.16 -9.63
CA PHE B 260 9.24 24.54 -8.97
C PHE B 260 9.93 25.70 -9.67
N GLY B 261 9.31 26.24 -10.70
CA GLY B 261 9.78 27.45 -11.34
C GLY B 261 9.29 28.69 -10.62
N LEU B 262 8.27 28.52 -9.79
CA LEU B 262 7.65 29.61 -9.02
C LEU B 262 8.65 30.53 -8.35
N VAL B 263 9.71 29.96 -7.76
CA VAL B 263 10.65 30.74 -6.98
C VAL B 263 12.07 30.15 -7.11
N PRO B 264 13.10 31.01 -7.17
CA PRO B 264 14.49 30.55 -7.36
C PRO B 264 15.00 29.63 -6.28
N GLY B 265 14.47 29.76 -5.06
CA GLY B 265 14.88 28.93 -3.95
C GLY B 265 14.56 27.46 -4.18
N LEU B 266 13.45 27.20 -4.86
CA LEU B 266 13.09 25.84 -5.22
C LEU B 266 13.99 25.33 -6.34
N MET B 267 14.21 26.18 -7.34
CA MET B 267 15.02 25.80 -8.48
C MET B 267 16.46 25.57 -8.06
N MET B 268 16.87 26.16 -6.95
CA MET B 268 18.19 25.90 -6.40
C MET B 268 18.29 24.45 -5.96
N TYR B 269 17.36 23.99 -5.14
CA TYR B 269 17.38 22.63 -4.63
C TYR B 269 17.17 21.63 -5.75
N ALA B 270 16.34 21.97 -6.72
CA ALA B 270 16.14 21.13 -7.89
C ALA B 270 17.46 20.94 -8.63
N THR B 271 18.22 22.03 -8.75
CA THR B 271 19.53 21.98 -9.38
C THR B 271 20.47 21.10 -8.58
N ILE B 272 20.53 21.33 -7.27
CA ILE B 272 21.43 20.58 -6.39
C ILE B 272 21.13 19.09 -6.43
N TRP B 273 19.85 18.72 -6.35
CA TRP B 273 19.45 17.32 -6.36
C TRP B 273 19.67 16.70 -7.74
N LEU B 274 19.52 17.51 -8.79
CA LEU B 274 19.82 17.04 -10.13
C LEU B 274 21.29 16.69 -10.26
N ARG B 275 22.16 17.56 -9.75
CA ARG B 275 23.59 17.30 -9.75
C ARG B 275 23.91 16.04 -8.95
N GLU B 276 23.18 15.84 -7.85
CA GLU B 276 23.40 14.68 -7.01
C GLU B 276 23.05 13.37 -7.73
N HIS B 277 21.98 13.37 -8.50
CA HIS B 277 21.61 12.16 -9.24
C HIS B 277 22.71 11.79 -10.23
N ASN B 278 23.20 12.77 -10.98
CA ASN B 278 24.21 12.51 -11.98
C ASN B 278 25.57 12.22 -11.36
N ARG B 279 25.82 12.78 -10.18
CA ARG B 279 27.04 12.45 -9.45
C ARG B 279 27.02 10.99 -9.03
N VAL B 280 25.87 10.55 -8.51
CA VAL B 280 25.72 9.17 -8.06
C VAL B 280 25.77 8.22 -9.25
N CYS B 281 25.34 8.68 -10.41
CA CYS B 281 25.47 7.89 -11.63
C CYS B 281 26.93 7.62 -11.95
N ASP B 282 27.76 8.66 -11.84
CA ASP B 282 29.19 8.51 -12.06
C ASP B 282 29.80 7.51 -11.06
N VAL B 283 29.44 7.63 -9.79
CA VAL B 283 29.92 6.70 -8.77
C VAL B 283 29.57 5.26 -9.13
N LEU B 284 28.31 5.03 -9.50
CA LEU B 284 27.82 3.67 -9.71
C LEU B 284 28.38 3.03 -10.96
N LYS B 285 28.62 3.83 -12.00
CA LYS B 285 29.24 3.34 -13.22
C LYS B 285 30.62 2.77 -12.93
N GLN B 286 31.35 3.45 -12.06
CA GLN B 286 32.65 3.00 -11.62
C GLN B 286 32.54 1.67 -10.85
N GLU B 287 31.50 1.53 -10.04
CA GLU B 287 31.27 0.30 -9.30
C GLU B 287 30.79 -0.81 -10.21
N HIS B 288 29.98 -0.44 -11.20
CA HIS B 288 29.34 -1.42 -12.09
C HIS B 288 29.47 -1.02 -13.55
N PRO B 289 30.67 -1.20 -14.12
CA PRO B 289 30.89 -0.91 -15.54
C PRO B 289 30.04 -1.78 -16.46
N GLU B 290 29.47 -2.85 -15.90
CA GLU B 290 28.64 -3.77 -16.67
C GLU B 290 27.17 -3.36 -16.68
N TRP B 291 26.81 -2.40 -15.84
CA TRP B 291 25.42 -1.95 -15.73
C TRP B 291 25.01 -1.09 -16.91
N GLY B 292 23.78 -1.26 -17.35
CA GLY B 292 23.20 -0.43 -18.39
C GLY B 292 22.61 0.84 -17.80
N ASP B 293 22.07 1.69 -18.68
CA ASP B 293 21.50 2.96 -18.29
C ASP B 293 20.30 2.82 -17.34
N GLU B 294 19.49 1.80 -17.57
CA GLU B 294 18.29 1.61 -16.76
C GLU B 294 18.62 1.33 -15.29
N GLN B 295 19.50 0.37 -15.03
CA GLN B 295 19.83 0.00 -13.65
C GLN B 295 20.59 1.13 -12.94
N LEU B 296 21.40 1.86 -13.71
CA LEU B 296 22.12 3.01 -13.15
C LEU B 296 21.16 4.12 -12.72
N PHE B 297 20.09 4.33 -13.49
CA PHE B 297 19.10 5.34 -13.15
C PHE B 297 18.27 4.92 -11.93
N GLN B 298 17.75 3.69 -11.97
CA GLN B 298 16.90 3.20 -10.90
C GLN B 298 17.66 3.13 -9.58
N THR B 299 18.87 2.57 -9.62
CA THR B 299 19.67 2.41 -8.41
C THR B 299 20.05 3.77 -7.85
N SER B 300 20.25 4.76 -8.72
CA SER B 300 20.58 6.11 -8.30
C SER B 300 19.40 6.74 -7.57
N ARG B 301 18.20 6.53 -8.09
CA ARG B 301 16.99 7.06 -7.48
C ARG B 301 16.76 6.50 -6.09
N LEU B 302 17.02 5.20 -5.92
CA LEU B 302 16.86 4.56 -4.62
C LEU B 302 17.85 5.12 -3.62
N ILE B 303 19.07 5.41 -4.08
CA ILE B 303 20.09 5.98 -3.22
C ILE B 303 19.68 7.39 -2.78
N LEU B 304 19.18 8.19 -3.71
CA LEU B 304 18.81 9.57 -3.39
C LEU B 304 17.58 9.65 -2.50
N ILE B 305 16.68 8.66 -2.60
CA ILE B 305 15.55 8.57 -1.70
C ILE B 305 16.08 8.41 -0.27
N GLY B 306 17.01 7.48 -0.11
CA GLY B 306 17.68 7.28 1.17
C GLY B 306 18.38 8.52 1.69
N GLU B 307 19.09 9.23 0.82
CA GLU B 307 19.77 10.46 1.21
C GLU B 307 18.77 11.46 1.75
N THR B 308 17.61 11.51 1.12
CA THR B 308 16.55 12.42 1.50
C THR B 308 16.05 12.11 2.91
N ILE B 309 15.73 10.85 3.15
CA ILE B 309 15.24 10.43 4.46
C ILE B 309 16.32 10.66 5.53
N LYS B 310 17.55 10.30 5.20
CA LYS B 310 18.70 10.57 6.05
C LYS B 310 18.80 12.03 6.47
N ILE B 311 18.80 12.92 5.49
CA ILE B 311 18.99 14.34 5.73
C ILE B 311 17.81 14.93 6.50
N VAL B 312 16.60 14.52 6.13
CA VAL B 312 15.41 15.06 6.74
C VAL B 312 15.38 14.73 8.24
N ILE B 313 15.67 13.48 8.60
CA ILE B 313 15.68 13.09 9.99
C ILE B 313 16.83 13.74 10.77
N GLU B 314 18.05 13.61 10.27
CA GLU B 314 19.22 13.94 11.07
C GLU B 314 19.73 15.37 10.93
N ASP B 315 19.16 16.15 10.01
CA ASP B 315 19.52 17.57 9.88
C ASP B 315 18.30 18.47 10.00
N TYR B 316 17.25 18.14 9.25
CA TYR B 316 16.07 18.99 9.15
C TYR B 316 15.16 18.89 10.37
N VAL B 317 14.72 17.68 10.71
CA VAL B 317 13.87 17.49 11.89
C VAL B 317 14.70 17.72 13.15
N GLN B 318 15.98 17.34 13.10
CA GLN B 318 16.90 17.59 14.20
C GLN B 318 16.91 19.07 14.58
N HIS B 319 17.21 19.92 13.60
CA HIS B 319 17.22 21.36 13.83
C HIS B 319 15.85 21.83 14.31
N LEU B 320 14.85 21.34 13.61
CA LEU B 320 13.46 21.66 13.85
C LEU B 320 13.01 21.41 15.28
N SER B 321 13.36 20.23 15.80
CA SER B 321 12.93 19.79 17.11
C SER B 321 13.50 20.67 18.22
N GLY B 322 14.76 21.06 18.06
CA GLY B 322 15.47 21.82 19.07
C GLY B 322 16.08 20.93 20.13
N TYR B 323 16.05 19.63 19.88
CA TYR B 323 16.52 18.65 20.87
C TYR B 323 18.04 18.58 20.95
N HIS B 324 18.55 18.22 22.12
CA HIS B 324 19.97 17.92 22.29
C HIS B 324 20.20 16.44 22.01
N PHE B 325 19.17 15.63 22.19
CA PHE B 325 19.22 14.24 21.77
C PHE B 325 19.39 14.22 20.26
N LYS B 326 20.22 13.30 19.78
CA LYS B 326 20.59 13.26 18.37
C LYS B 326 19.77 12.20 17.64
N LEU B 327 18.85 12.67 16.80
CA LEU B 327 17.98 11.76 16.06
C LEU B 327 18.80 10.91 15.10
N LYS B 328 18.28 9.73 14.80
CA LYS B 328 18.99 8.76 13.97
C LYS B 328 18.08 8.18 12.91
N PHE B 329 18.54 8.19 11.66
CA PHE B 329 17.87 7.42 10.61
C PHE B 329 18.47 6.03 10.52
N ASP B 330 17.72 5.05 11.01
CA ASP B 330 18.19 3.68 11.06
C ASP B 330 16.99 2.73 10.97
N PRO B 331 16.68 2.25 9.76
CA PRO B 331 15.57 1.32 9.57
C PRO B 331 15.63 0.09 10.48
N GLU B 332 16.82 -0.24 10.97
CA GLU B 332 17.01 -1.42 11.82
C GLU B 332 16.32 -1.29 13.18
N LEU B 333 16.13 -0.06 13.63
CA LEU B 333 15.47 0.19 14.91
C LEU B 333 14.07 -0.42 14.97
N LEU B 334 13.46 -0.61 13.82
CA LEU B 334 12.05 -1.02 13.74
C LEU B 334 11.85 -2.48 13.36
N PHE B 335 12.92 -3.18 13.02
CA PHE B 335 12.80 -4.53 12.49
C PHE B 335 12.21 -5.54 13.47
N ASN B 336 12.36 -5.29 14.77
CA ASN B 336 11.75 -6.14 15.79
C ASN B 336 10.46 -5.55 16.33
N LYS B 337 10.02 -4.44 15.74
CA LYS B 337 8.81 -3.76 16.17
C LYS B 337 7.67 -3.99 15.19
N GLN B 338 6.45 -3.71 15.64
CA GLN B 338 5.29 -3.67 14.75
C GLN B 338 5.28 -2.35 14.03
N PHE B 339 5.24 -2.39 12.70
CA PHE B 339 5.31 -1.16 11.92
C PHE B 339 4.83 -1.42 10.49
N GLN B 340 3.95 -0.55 10.01
CA GLN B 340 3.42 -0.66 8.65
C GLN B 340 4.26 0.15 7.67
N TYR B 341 4.87 -0.54 6.72
CA TYR B 341 5.66 0.11 5.68
C TYR B 341 4.75 0.55 4.54
N GLN B 342 3.95 1.56 4.83
CA GLN B 342 3.09 2.20 3.86
C GLN B 342 2.70 3.55 4.43
N ASN B 343 2.17 4.43 3.59
CA ASN B 343 1.76 5.74 4.04
C ASN B 343 0.70 6.34 3.12
N ARG B 344 -0.12 7.21 3.70
CA ARG B 344 -1.11 7.96 2.95
C ARG B 344 -1.08 9.37 3.51
N ILE B 345 -0.95 10.35 2.63
CA ILE B 345 -0.79 11.74 3.05
C ILE B 345 -2.10 12.29 3.60
N ALA B 346 -2.04 12.81 4.82
CA ALA B 346 -3.20 13.40 5.47
C ALA B 346 -3.39 14.84 5.02
N ALA B 347 -4.64 15.21 4.77
CA ALA B 347 -4.99 16.58 4.41
C ALA B 347 -4.56 17.54 5.52
N GLU B 348 -4.65 17.08 6.76
CA GLU B 348 -4.30 17.91 7.90
C GLU B 348 -2.81 18.15 7.98
N PHE B 349 -2.03 17.18 7.53
CA PHE B 349 -0.59 17.32 7.45
C PHE B 349 -0.25 18.46 6.48
N ASN B 350 -1.00 18.52 5.39
CA ASN B 350 -0.84 19.57 4.40
C ASN B 350 -1.19 20.94 4.98
N THR B 351 -2.33 21.03 5.65
CA THR B 351 -2.78 22.28 6.27
C THR B 351 -1.77 22.85 7.26
N LEU B 352 -1.24 21.99 8.14
CA LEU B 352 -0.34 22.47 9.19
C LEU B 352 1.03 22.86 8.64
N TYR B 353 1.37 22.44 7.44
CA TYR B 353 2.65 22.72 6.85
C TYR B 353 2.66 24.00 6.04
N HIS B 354 1.58 24.74 6.13
CA HIS B 354 1.54 26.04 5.48
C HIS B 354 2.36 27.05 6.31
N TRP B 355 3.68 26.92 6.21
CA TRP B 355 4.61 27.69 7.02
C TRP B 355 5.08 28.96 6.32
N HIS B 356 4.14 29.70 5.75
CA HIS B 356 4.47 30.92 5.04
C HIS B 356 5.03 32.03 5.94
N PRO B 357 4.75 31.96 7.26
CA PRO B 357 5.45 32.92 8.12
C PRO B 357 6.97 32.80 8.11
N LEU B 358 7.50 31.67 7.64
CA LEU B 358 8.95 31.51 7.49
C LEU B 358 9.55 32.56 6.57
N LEU B 359 8.72 33.06 5.64
CA LEU B 359 9.22 33.84 4.53
C LEU B 359 9.63 35.26 4.93
N PRO B 360 10.69 35.80 4.30
CA PRO B 360 11.13 37.17 4.60
C PRO B 360 10.27 38.22 3.92
N ASP B 361 10.53 39.50 4.21
CA ASP B 361 9.90 40.59 3.48
C ASP B 361 10.67 40.85 2.18
N THR B 362 11.96 40.56 2.20
CA THR B 362 12.78 40.60 0.99
C THR B 362 13.82 39.50 1.02
N PHE B 363 14.23 39.03 -0.15
CA PHE B 363 15.23 37.98 -0.26
C PHE B 363 16.59 38.57 -0.59
N GLN B 364 17.58 38.26 0.22
CA GLN B 364 18.92 38.81 0.07
C GLN B 364 19.87 37.78 -0.54
N ILE B 365 20.28 38.01 -1.78
CA ILE B 365 21.28 37.18 -2.44
C ILE B 365 22.54 38.02 -2.63
N HIS B 366 23.66 37.51 -2.12
CA HIS B 366 24.91 38.25 -2.11
C HIS B 366 24.69 39.63 -1.48
N ASP B 367 24.83 40.69 -2.25
CA ASP B 367 24.71 42.06 -1.75
C ASP B 367 23.46 42.74 -2.29
N GLN B 368 22.57 41.97 -2.93
CA GLN B 368 21.37 42.53 -3.54
C GLN B 368 20.11 42.15 -2.77
N LYS B 369 19.11 43.02 -2.84
CA LYS B 369 17.83 42.84 -2.19
C LYS B 369 16.75 42.63 -3.24
N TYR B 370 15.90 41.63 -3.05
CA TYR B 370 14.80 41.36 -3.98
C TYR B 370 13.48 41.29 -3.24
N ASN B 371 12.50 42.07 -3.69
CA ASN B 371 11.14 41.94 -3.18
C ASN B 371 10.47 40.80 -3.93
N TYR B 372 9.18 40.58 -3.69
CA TYR B 372 8.50 39.42 -4.24
C TYR B 372 8.26 39.51 -5.74
N GLN B 373 7.89 40.70 -6.22
CA GLN B 373 7.60 40.91 -7.64
C GLN B 373 8.78 40.56 -8.55
N GLN B 374 9.99 40.80 -8.06
CA GLN B 374 11.20 40.59 -8.88
C GLN B 374 11.88 39.27 -8.56
N PHE B 375 11.50 38.65 -7.44
CA PHE B 375 12.09 37.38 -7.05
C PHE B 375 11.30 36.20 -7.62
N ILE B 376 9.98 36.38 -7.75
CA ILE B 376 9.10 35.31 -8.19
C ILE B 376 9.26 35.02 -9.68
N TYR B 377 9.34 33.73 -10.01
CA TYR B 377 9.43 33.25 -11.38
C TYR B 377 10.64 33.81 -12.13
N ASN B 378 11.65 34.25 -11.39
CA ASN B 378 12.85 34.83 -11.98
C ASN B 378 14.06 33.93 -11.86
N ASN B 379 14.32 33.14 -12.89
CA ASN B 379 15.44 32.21 -12.89
C ASN B 379 16.76 32.86 -13.31
N SER B 380 16.71 34.09 -13.81
CA SER B 380 17.94 34.78 -14.18
C SER B 380 18.70 35.17 -12.92
N ILE B 381 17.98 35.38 -11.82
CA ILE B 381 18.62 35.62 -10.53
C ILE B 381 19.50 34.43 -10.19
N LEU B 382 19.01 33.25 -10.49
CA LEU B 382 19.74 32.02 -10.21
C LEU B 382 21.00 31.93 -11.06
N LEU B 383 20.87 32.24 -12.35
CA LEU B 383 22.01 32.22 -13.25
C LEU B 383 22.99 33.34 -12.92
N GLU B 384 22.43 34.51 -12.61
CA GLU B 384 23.19 35.67 -12.19
C GLU B 384 24.22 35.37 -11.11
N HIS B 385 23.75 34.79 -10.00
CA HIS B 385 24.61 34.55 -8.85
C HIS B 385 25.21 33.14 -8.80
N GLY B 386 24.49 32.18 -9.35
CA GLY B 386 24.92 30.79 -9.29
C GLY B 386 24.57 30.16 -7.95
N ILE B 387 24.76 28.85 -7.84
CA ILE B 387 24.30 28.11 -6.67
C ILE B 387 25.16 28.38 -5.43
N THR B 388 26.48 28.44 -5.61
CA THR B 388 27.38 28.70 -4.49
C THR B 388 26.97 29.97 -3.76
N GLN B 389 26.73 31.03 -4.52
CA GLN B 389 26.30 32.30 -3.97
C GLN B 389 24.97 32.17 -3.22
N PHE B 390 24.02 31.45 -3.83
CA PHE B 390 22.71 31.26 -3.25
C PHE B 390 22.79 30.58 -1.89
N VAL B 391 23.60 29.52 -1.80
CA VAL B 391 23.80 28.79 -0.55
C VAL B 391 24.35 29.70 0.54
N GLU B 392 25.41 30.44 0.21
CA GLU B 392 26.06 31.33 1.16
C GLU B 392 25.10 32.38 1.69
N SER B 393 24.28 32.94 0.80
CA SER B 393 23.33 33.98 1.18
C SER B 393 22.22 33.42 2.06
N PHE B 394 21.65 32.29 1.63
CA PHE B 394 20.52 31.69 2.34
C PHE B 394 20.92 31.09 3.67
N THR B 395 22.16 30.64 3.78
CA THR B 395 22.65 30.12 5.06
C THR B 395 22.70 31.23 6.09
N ARG B 396 22.82 32.46 5.61
CA ARG B 396 22.95 33.63 6.49
C ARG B 396 21.63 34.31 6.81
N GLN B 397 20.64 34.16 5.95
CA GLN B 397 19.39 34.91 6.11
C GLN B 397 18.41 34.20 7.04
N ILE B 398 17.95 34.92 8.05
CA ILE B 398 17.04 34.38 9.06
C ILE B 398 15.62 34.22 8.52
N ALA B 399 14.95 33.17 8.96
CA ALA B 399 13.55 32.93 8.59
C ALA B 399 12.63 33.42 9.72
N GLY B 400 11.35 33.59 9.41
CA GLY B 400 10.39 34.10 10.37
C GLY B 400 9.84 33.03 11.31
N ARG B 401 9.28 33.48 12.43
CA ARG B 401 8.68 32.58 13.40
C ARG B 401 7.29 32.14 12.93
N VAL B 402 7.04 30.83 12.94
CA VAL B 402 5.81 30.28 12.41
C VAL B 402 4.64 30.48 13.37
N ALA B 403 4.82 30.09 14.62
CA ALA B 403 3.79 30.26 15.64
C ALA B 403 3.92 31.64 16.28
N GLY B 404 2.96 32.00 17.11
CA GLY B 404 3.00 33.27 17.83
C GLY B 404 2.14 34.35 17.22
N GLY B 405 1.69 34.13 15.98
CA GLY B 405 0.73 35.02 15.35
C GLY B 405 1.33 36.21 14.62
N ARG B 406 0.55 36.76 13.70
CA ARG B 406 0.88 37.99 12.97
C ARG B 406 2.30 37.99 12.41
N ASN B 407 2.60 37.02 11.57
CA ASN B 407 3.90 36.95 10.92
C ASN B 407 3.82 36.40 9.52
N VAL B 408 2.62 36.45 8.93
CA VAL B 408 2.42 36.09 7.54
C VAL B 408 2.70 37.29 6.63
N PRO B 409 3.66 37.18 5.71
CA PRO B 409 3.93 38.28 4.79
C PRO B 409 2.70 38.69 3.98
N PRO B 410 2.44 40.01 3.83
CA PRO B 410 1.30 40.49 3.04
C PRO B 410 1.23 39.91 1.63
N ALA B 411 2.38 39.63 1.02
CA ALA B 411 2.43 39.04 -0.31
C ALA B 411 1.64 37.74 -0.39
N VAL B 412 1.89 36.83 0.55
CA VAL B 412 1.20 35.54 0.58
C VAL B 412 0.03 35.59 1.56
N GLN B 413 -0.62 36.75 1.64
CA GLN B 413 -1.78 36.93 2.51
C GLN B 413 -2.96 36.11 2.02
N LYS B 414 -3.18 36.08 0.71
CA LYS B 414 -4.33 35.40 0.13
C LYS B 414 -4.17 33.88 0.21
N VAL B 415 -2.94 33.41 0.13
CA VAL B 415 -2.64 31.99 0.29
C VAL B 415 -3.12 31.52 1.66
N SER B 416 -2.85 32.34 2.66
CA SER B 416 -3.27 32.05 4.03
C SER B 416 -4.79 32.06 4.16
N GLN B 417 -5.46 32.87 3.35
CA GLN B 417 -6.93 32.91 3.35
C GLN B 417 -7.48 31.70 2.61
N ALA B 418 -6.75 31.24 1.61
CA ALA B 418 -7.15 30.06 0.85
C ALA B 418 -7.05 28.81 1.72
N SER B 419 -6.12 28.84 2.66
CA SER B 419 -5.90 27.71 3.56
C SER B 419 -7.06 27.55 4.53
N ILE B 420 -7.61 28.67 4.99
CA ILE B 420 -8.77 28.64 5.87
C ILE B 420 -10.00 28.22 5.09
N ASP B 421 -10.19 28.81 3.92
CA ASP B 421 -11.36 28.54 3.10
C ASP B 421 -11.43 27.08 2.69
N GLN B 422 -10.30 26.53 2.26
CA GLN B 422 -10.23 25.15 1.82
C GLN B 422 -10.46 24.17 2.97
N SER B 423 -10.02 24.53 4.16
CA SER B 423 -10.29 23.74 5.36
C SER B 423 -11.79 23.58 5.58
N ARG B 424 -12.55 24.63 5.28
CA ARG B 424 -13.99 24.64 5.49
C ARG B 424 -14.72 23.86 4.42
N GLN B 425 -14.24 23.92 3.17
CA GLN B 425 -14.76 23.09 2.11
C GLN B 425 -14.65 21.62 2.51
N MET B 426 -13.56 21.30 3.19
CA MET B 426 -13.24 19.92 3.54
C MET B 426 -13.79 19.54 4.92
N LYS B 427 -14.51 20.47 5.54
CA LYS B 427 -15.24 20.19 6.78
C LYS B 427 -14.33 19.73 7.93
N TYR B 428 -13.21 20.42 8.12
CA TYR B 428 -12.33 20.13 9.25
C TYR B 428 -13.07 20.30 10.56
N GLN B 429 -12.80 19.42 11.50
CA GLN B 429 -13.24 19.62 12.87
C GLN B 429 -12.41 20.73 13.50
N SER B 430 -12.70 21.05 14.75
CA SER B 430 -12.06 22.19 15.39
C SER B 430 -10.65 21.90 15.91
N PHE B 431 -9.92 22.97 16.21
CA PHE B 431 -8.60 22.88 16.80
C PHE B 431 -8.57 21.99 18.03
N ASN B 432 -9.53 22.20 18.93
CA ASN B 432 -9.59 21.45 20.17
C ASN B 432 -9.86 19.98 19.91
N GLU B 433 -10.62 19.68 18.87
CA GLU B 433 -10.88 18.29 18.51
C GLU B 433 -9.61 17.59 18.05
N TYR B 434 -8.81 18.30 17.25
CA TYR B 434 -7.56 17.74 16.76
C TYR B 434 -6.53 17.60 17.88
N ARG B 435 -6.63 18.46 18.89
CA ARG B 435 -5.77 18.34 20.06
C ARG B 435 -6.09 17.06 20.83
N LYS B 436 -7.38 16.73 20.95
CA LYS B 436 -7.79 15.52 21.63
C LYS B 436 -7.40 14.29 20.81
N ARG B 437 -7.47 14.42 19.49
CA ARG B 437 -7.08 13.34 18.58
C ARG B 437 -5.63 12.93 18.78
N PHE B 438 -4.78 13.88 19.14
CA PHE B 438 -3.37 13.62 19.37
C PHE B 438 -3.01 13.73 20.84
N MET B 439 -3.97 13.36 21.70
CA MET B 439 -3.75 13.14 23.12
C MET B 439 -3.29 14.39 23.86
N LEU B 440 -3.73 15.55 23.41
CA LEU B 440 -3.46 16.79 24.10
C LEU B 440 -4.70 17.27 24.83
N LYS B 441 -4.50 17.88 26.00
CA LYS B 441 -5.60 18.48 26.72
C LYS B 441 -6.15 19.65 25.92
N PRO B 442 -7.48 19.71 25.74
CA PRO B 442 -8.06 20.83 24.99
C PRO B 442 -7.92 22.16 25.72
N TYR B 443 -7.78 23.24 24.96
CA TYR B 443 -7.68 24.58 25.55
C TYR B 443 -9.04 25.01 26.12
N GLU B 444 -9.02 25.59 27.31
CA GLU B 444 -10.24 26.00 27.99
C GLU B 444 -10.57 27.46 27.71
N SER B 445 -9.57 28.24 27.30
CA SER B 445 -9.77 29.66 26.98
C SER B 445 -8.87 30.09 25.84
N PHE B 446 -9.19 31.23 25.24
CA PHE B 446 -8.37 31.80 24.17
C PHE B 446 -7.05 32.31 24.75
N GLU B 447 -7.10 32.73 26.00
CA GLU B 447 -5.93 33.26 26.67
C GLU B 447 -4.94 32.15 26.89
N GLU B 448 -5.46 31.00 27.23
CA GLU B 448 -4.65 29.81 27.39
C GLU B 448 -4.01 29.42 26.06
N LEU B 449 -4.71 29.69 24.97
CA LEU B 449 -4.23 29.36 23.64
C LEU B 449 -3.09 30.26 23.20
N THR B 450 -3.28 31.55 23.30
CA THR B 450 -2.28 32.48 22.83
C THR B 450 -1.28 32.88 23.85
N GLY B 451 -1.62 32.76 25.12
CA GLY B 451 -0.73 33.19 26.16
C GLY B 451 -0.65 34.69 26.25
N GLU B 452 -1.69 35.36 25.82
CA GLU B 452 -1.65 36.80 25.71
C GLU B 452 -3.07 37.33 25.73
N LYS B 453 -3.25 38.62 25.63
CA LYS B 453 -4.58 39.20 25.83
C LYS B 453 -5.16 39.84 24.61
N GLU B 454 -4.30 40.28 23.73
CA GLU B 454 -4.71 41.04 22.58
C GLU B 454 -5.28 40.14 21.52
N MET B 455 -4.46 39.27 20.96
CA MET B 455 -4.90 38.30 19.99
C MET B 455 -6.03 37.41 20.49
N SER B 456 -6.02 37.06 21.76
CA SER B 456 -7.05 36.22 22.30
C SER B 456 -8.39 36.91 22.38
N ALA B 457 -8.40 38.21 22.19
CA ALA B 457 -9.60 38.96 22.29
C ALA B 457 -10.19 39.07 20.93
N GLU B 458 -9.34 39.23 19.93
CA GLU B 458 -9.82 39.16 18.56
C GLU B 458 -10.40 37.78 18.28
N LEU B 459 -9.70 36.76 18.75
CA LEU B 459 -10.17 35.38 18.62
C LEU B 459 -11.56 35.21 19.22
N GLU B 460 -11.75 35.69 20.44
CA GLU B 460 -13.03 35.53 21.13
C GLU B 460 -14.13 36.31 20.43
N ALA B 461 -13.81 37.48 19.89
CA ALA B 461 -14.78 38.30 19.20
C ALA B 461 -15.20 37.64 17.89
N LEU B 462 -14.26 36.93 17.27
CA LEU B 462 -14.53 36.23 16.02
C LEU B 462 -15.31 34.94 16.25
N TYR B 463 -14.85 34.11 17.18
CA TYR B 463 -15.38 32.76 17.34
C TYR B 463 -16.38 32.59 18.48
N GLY B 464 -16.19 33.34 19.56
CA GLY B 464 -17.06 33.23 20.73
C GLY B 464 -16.69 32.07 21.64
N ASP B 465 -16.60 30.88 21.07
CA ASP B 465 -16.32 29.66 21.83
C ASP B 465 -14.92 29.14 21.50
N ILE B 466 -14.16 28.75 22.52
CA ILE B 466 -12.81 28.25 22.30
C ILE B 466 -12.85 26.94 21.51
N ASP B 467 -13.96 26.23 21.62
CA ASP B 467 -14.15 24.98 20.90
C ASP B 467 -14.62 25.22 19.46
N ALA B 468 -14.69 26.49 19.06
CA ALA B 468 -15.10 26.86 17.71
C ALA B 468 -13.91 27.32 16.88
N VAL B 469 -12.77 27.53 17.53
CA VAL B 469 -11.58 27.98 16.83
C VAL B 469 -11.10 26.90 15.87
N GLU B 470 -10.75 27.30 14.66
CA GLU B 470 -10.37 26.38 13.61
C GLU B 470 -8.91 25.96 13.72
N LEU B 471 -8.57 24.88 13.04
CA LEU B 471 -7.25 24.26 13.15
C LEU B 471 -6.12 25.17 12.70
N TYR B 472 -6.21 25.72 11.48
CA TYR B 472 -5.08 26.43 10.89
C TYR B 472 -4.81 27.78 11.57
N PRO B 473 -5.85 28.60 11.80
CA PRO B 473 -5.59 29.84 12.53
C PRO B 473 -4.97 29.61 13.90
N ALA B 474 -5.47 28.60 14.61
CA ALA B 474 -5.03 28.34 15.97
C ALA B 474 -3.58 27.86 16.01
N LEU B 475 -3.18 27.11 15.00
CA LEU B 475 -1.80 26.63 14.91
C LEU B 475 -0.81 27.79 14.86
N LEU B 476 -1.19 28.87 14.19
CA LEU B 476 -0.28 29.98 13.95
C LEU B 476 -0.28 31.04 15.06
N VAL B 477 -1.37 31.12 15.83
CA VAL B 477 -1.45 32.08 16.93
C VAL B 477 -1.18 31.43 18.29
N GLU B 478 -1.08 30.10 18.30
CA GLU B 478 -0.82 29.37 19.53
C GLU B 478 0.48 29.83 20.15
N LYS B 479 0.51 29.91 21.47
CA LYS B 479 1.72 30.27 22.20
C LYS B 479 2.86 29.34 21.80
N PRO B 480 4.00 29.90 21.35
CA PRO B 480 5.13 29.03 21.02
C PRO B 480 5.78 28.43 22.27
N ARG B 481 6.41 27.28 22.12
CA ARG B 481 7.29 26.77 23.18
C ARG B 481 8.36 27.82 23.44
N PRO B 482 8.95 27.81 24.65
CA PRO B 482 9.96 28.81 25.01
C PRO B 482 11.06 28.97 23.97
N ASP B 483 11.15 30.15 23.36
CA ASP B 483 12.16 30.44 22.34
C ASP B 483 12.11 29.44 21.19
N ALA B 484 10.92 28.93 20.90
CA ALA B 484 10.75 27.95 19.83
C ALA B 484 9.99 28.55 18.65
N ILE B 485 10.11 27.86 17.52
CA ILE B 485 9.43 28.27 16.29
C ILE B 485 7.96 27.84 16.32
N PHE B 486 7.65 26.79 17.09
CA PHE B 486 6.29 26.24 17.17
C PHE B 486 5.71 26.22 18.57
N GLY B 487 4.38 26.08 18.62
CA GLY B 487 3.68 25.75 19.84
C GLY B 487 3.51 24.24 19.95
N GLU B 488 2.86 23.81 21.02
CA GLU B 488 2.67 22.39 21.33
C GLU B 488 1.93 21.61 20.24
N THR B 489 0.89 22.19 19.66
CA THR B 489 0.00 21.44 18.78
C THR B 489 0.64 21.14 17.43
N MET B 490 1.34 22.12 16.87
CA MET B 490 2.05 21.92 15.61
C MET B 490 2.99 20.72 15.68
N VAL B 491 3.77 20.68 16.75
CA VAL B 491 4.74 19.62 16.95
C VAL B 491 4.07 18.27 17.15
N GLU B 492 3.11 18.22 18.05
CA GLU B 492 2.49 16.95 18.46
C GLU B 492 1.58 16.37 17.38
N VAL B 493 1.04 17.22 16.51
CA VAL B 493 0.18 16.76 15.43
C VAL B 493 1.02 16.44 14.19
N GLY B 494 2.05 17.24 13.94
CA GLY B 494 2.85 17.09 12.74
C GLY B 494 3.87 15.96 12.80
N ALA B 495 4.51 15.78 13.95
CA ALA B 495 5.59 14.80 14.10
C ALA B 495 5.17 13.38 13.70
N PRO B 496 3.97 12.95 14.10
CA PRO B 496 3.54 11.60 13.70
C PRO B 496 3.32 11.43 12.19
N PHE B 497 2.74 12.42 11.54
CA PHE B 497 2.57 12.38 10.09
C PHE B 497 3.94 12.28 9.40
N SER B 498 4.87 13.11 9.84
CA SER B 498 6.21 13.14 9.26
C SER B 498 6.95 11.82 9.39
N LEU B 499 7.03 11.30 10.61
CA LEU B 499 7.80 10.09 10.87
C LEU B 499 7.22 8.90 10.14
N LYS B 500 5.92 8.91 9.93
CA LYS B 500 5.26 7.82 9.25
C LYS B 500 5.57 7.86 7.75
N GLY B 501 5.64 9.06 7.18
CA GLY B 501 6.02 9.22 5.80
C GLY B 501 7.47 8.87 5.52
N LEU B 502 8.32 9.05 6.53
CA LEU B 502 9.75 8.80 6.37
C LEU B 502 10.11 7.32 6.56
N MET B 503 9.73 6.75 7.69
CA MET B 503 10.08 5.37 8.00
C MET B 503 9.15 4.37 7.30
N GLY B 504 7.97 4.84 6.89
CA GLY B 504 7.02 4.00 6.19
C GLY B 504 7.40 3.82 4.73
N ASN B 505 8.52 4.40 4.32
CA ASN B 505 9.00 4.24 2.96
C ASN B 505 9.49 2.82 2.76
N VAL B 506 9.26 2.29 1.57
CA VAL B 506 9.60 0.89 1.25
C VAL B 506 11.08 0.57 1.45
N ILE B 507 11.98 1.52 1.23
CA ILE B 507 13.41 1.23 1.34
C ILE B 507 13.79 0.97 2.80
N CYS B 508 12.96 1.41 3.74
CA CYS B 508 13.20 1.18 5.15
C CYS B 508 12.72 -0.20 5.58
N SER B 509 12.06 -0.92 4.68
CA SER B 509 11.60 -2.26 5.00
C SER B 509 12.76 -3.25 4.91
N PRO B 510 12.71 -4.34 5.70
CA PRO B 510 13.83 -5.29 5.76
C PRO B 510 14.23 -5.93 4.43
N ALA B 511 13.30 -6.13 3.50
CA ALA B 511 13.64 -6.73 2.21
C ALA B 511 14.48 -5.80 1.35
N TYR B 512 14.31 -4.50 1.53
CA TYR B 512 14.99 -3.48 0.74
C TYR B 512 16.26 -2.94 1.40
N TRP B 513 16.28 -2.90 2.73
CA TRP B 513 17.35 -2.23 3.44
C TRP B 513 18.59 -3.13 3.56
N LYS B 514 19.39 -3.12 2.51
CA LYS B 514 20.57 -3.96 2.42
C LYS B 514 21.40 -3.47 1.24
N PRO B 515 22.73 -3.63 1.33
CA PRO B 515 23.64 -3.03 0.35
C PRO B 515 23.31 -3.34 -1.11
N SER B 516 22.87 -4.55 -1.41
CA SER B 516 22.62 -4.95 -2.80
C SER B 516 21.53 -4.12 -3.47
N THR B 517 20.62 -3.58 -2.67
CA THR B 517 19.55 -2.75 -3.18
C THR B 517 20.11 -1.49 -3.82
N PHE B 518 21.26 -1.03 -3.31
CA PHE B 518 21.85 0.23 -3.76
C PHE B 518 23.17 0.00 -4.50
N GLY B 519 23.30 -1.17 -5.11
CA GLY B 519 24.45 -1.47 -5.94
C GLY B 519 25.71 -1.75 -5.15
N GLY B 520 25.54 -2.17 -3.90
CA GLY B 520 26.66 -2.55 -3.06
C GLY B 520 26.94 -1.58 -1.93
N GLU B 521 28.09 -1.76 -1.28
CA GLU B 521 28.44 -1.01 -0.08
C GLU B 521 28.75 0.45 -0.35
N VAL B 522 29.33 0.75 -1.51
CA VAL B 522 29.65 2.12 -1.86
C VAL B 522 28.36 2.94 -1.93
N GLY B 523 27.35 2.40 -2.61
CA GLY B 523 26.07 3.07 -2.74
C GLY B 523 25.33 3.17 -1.43
N PHE B 524 25.30 2.06 -0.70
CA PHE B 524 24.64 2.01 0.60
C PHE B 524 25.23 3.03 1.55
N GLN B 525 26.53 3.29 1.40
CA GLN B 525 27.24 4.21 2.29
C GLN B 525 27.01 5.67 1.92
N ILE B 526 26.55 5.94 0.70
CA ILE B 526 26.21 7.31 0.33
C ILE B 526 24.97 7.75 1.13
N ILE B 527 24.05 6.82 1.34
CA ILE B 527 22.86 7.10 2.13
C ILE B 527 23.23 7.37 3.57
N ASN B 528 23.97 6.43 4.14
CA ASN B 528 24.21 6.40 5.58
C ASN B 528 25.24 7.42 6.05
N THR B 529 25.85 8.14 5.11
CA THR B 529 26.78 9.22 5.44
C THR B 529 26.32 10.55 4.87
N ALA B 530 25.08 10.60 4.39
CA ALA B 530 24.55 11.80 3.77
C ALA B 530 24.13 12.83 4.82
N SER B 531 24.32 14.09 4.48
CA SER B 531 23.91 15.21 5.32
C SER B 531 23.66 16.41 4.44
N ILE B 532 22.99 17.42 4.97
CA ILE B 532 22.71 18.62 4.19
C ILE B 532 24.00 19.34 3.80
N GLN B 533 25.05 19.18 4.61
CA GLN B 533 26.33 19.80 4.31
C GLN B 533 27.07 19.05 3.20
N SER B 534 26.99 17.72 3.22
CA SER B 534 27.68 16.91 2.24
C SER B 534 26.99 17.02 0.87
N LEU B 535 25.67 17.09 0.89
CA LEU B 535 24.89 17.29 -0.32
C LEU B 535 25.39 18.52 -1.06
N ILE B 536 25.59 19.60 -0.31
CA ILE B 536 26.05 20.86 -0.87
C ILE B 536 27.52 20.76 -1.26
N CYS B 537 28.32 20.12 -0.41
CA CYS B 537 29.75 20.04 -0.63
C CYS B 537 30.08 19.25 -1.89
N ASN B 538 29.26 18.24 -2.19
CA ASN B 538 29.50 17.37 -3.33
C ASN B 538 29.00 17.97 -4.64
N ASN B 539 28.07 18.90 -4.57
CA ASN B 539 27.39 19.41 -5.76
C ASN B 539 27.41 20.92 -5.93
N VAL B 540 27.92 21.65 -4.93
CA VAL B 540 28.03 23.10 -5.04
C VAL B 540 29.50 23.52 -5.10
N LYS B 541 29.78 24.40 -6.05
CA LYS B 541 31.14 24.88 -6.32
C LYS B 541 31.72 25.61 -5.12
N GLY B 542 32.93 25.24 -4.72
CA GLY B 542 33.60 25.86 -3.59
C GLY B 542 33.33 25.13 -2.29
N CYS B 543 32.31 24.27 -2.29
CA CYS B 543 31.93 23.51 -1.10
C CYS B 543 31.66 24.45 0.07
N PRO B 544 30.75 25.42 -0.12
CA PRO B 544 30.46 26.36 0.96
C PRO B 544 29.84 25.69 2.17
N PHE B 545 30.23 26.13 3.36
CA PHE B 545 29.58 25.68 4.58
C PHE B 545 28.09 26.00 4.50
N THR B 546 27.26 25.07 4.95
CA THR B 546 25.84 25.34 5.07
C THR B 546 25.26 24.66 6.30
N SER B 547 24.04 25.07 6.64
CA SER B 547 23.36 24.61 7.83
C SER B 547 21.93 25.10 7.75
N PHE B 548 21.05 24.52 8.55
CA PHE B 548 19.65 24.93 8.56
C PHE B 548 19.43 26.08 9.53
N SER B 549 20.50 26.55 10.15
CA SER B 549 20.41 27.72 11.03
C SER B 549 21.51 28.73 10.70
N VAL B 550 21.26 29.98 11.07
CA VAL B 550 22.21 31.05 10.83
C VAL B 550 23.40 30.92 11.79
N PRO B 551 24.63 31.10 11.28
CA PRO B 551 25.85 31.06 12.12
C PRO B 551 25.76 31.88 13.40
#